data_3M1C
#
_entry.id   3M1C
#
_cell.length_a   88.255
_cell.length_b   88.255
_cell.length_c   333.406
_cell.angle_alpha   90.00
_cell.angle_beta   90.00
_cell.angle_gamma   90.00
#
_symmetry.space_group_name_H-M   'P 41 21 2'
#
loop_
_entity.id
_entity.type
_entity.pdbx_description
1 polymer 'Envelope glycoprotein H'
2 polymer 'Envelope glycoprotein L'
3 branched 2-acetamido-2-deoxy-beta-D-glucopyranose-(1-4)-2-acetamido-2-deoxy-beta-D-glucopyranose
4 non-polymer 2-acetamido-2-deoxy-beta-D-glucopyranose
5 non-polymer Xylitol
6 water water
#
loop_
_entity_poly.entity_id
_entity_poly.type
_entity_poly.pdbx_seq_one_letter_code
_entity_poly.pdbx_strand_id
1 'polypeptide(L)'
;GRLWLPNTPDASDPQRGRLAPPGELNLTTASVPMLRWYAERFCFVLVTTAEFPRDPGQLLYIPKTYLLGRPRNASLPELP
EAGPTSRPPAEVTQLKGLSHNPGASALLRSRAWVTFAAAPDREGLTFPRGDDGATERHPDGRRNAPPPGPPAGTPRHPTT
NLSIAHLHNASVTWLAARGLLRTPGRYVYLSPSASTWPVGVWTTGGLAFGCDAALVRARYGKGFMGLVISMRDSPPAEII
VVPADKTLARVGNPTDENAPAVLPGPPAGPRYRVFVLGAPTPADNGSALDALRRVAGYPEESTNYAQYMSRAYAEFLGED
PGSGTDARPSLFWRLAGLLASSGFAFVNAAHAHDAIRLSDLLGFLAHSRVLAGLAARGAAGCAADSVFLNVSVLDPAARL
RLEARLGHLVAAILEREQSLVAHALGYQLAFVLDSPAAYGAVAPSAARLIDALYAEFLGGRALTAPMVRRALFYATAVLR
APFLAGAPSAEQRERARRGLLITTALCTSDVAAATHADLRAALARTDHQKNLFWLPDHFSPCAASLRFDLAEGGFILDAL
AMATRSDIPADVMAQQTRGVASVLTRWAHYNALIRAFVPEATHQCSGPSHNAEPRILVPITHNASYVVTHTPLPRGIGYK
LTGVDVRRPLFITYLTATCEGHAREIEPKRLVRTENRRDLGLVGAVFLRYTPAGEVMSVLLVDTDATQQQLAQGPVAGTP
NVFSSDVPSVALLLFPNGTVIHLLAFDTLPIATIAPHHHHHH
;
A
2 'polypeptide(L)'
;SQATEYVLRSVIAKEVGDILRVPCMRTPADDVSWRYEAPSVIDYARIDGIFLRYHCPGLDTFLWDRHAQRAYLVNPFLFA
AGFLEDLSHSVFPADTQETTTRRALYKEIRDALGSRKQAVSHAPVRAGCVNFDYSRTRRCVGRRDLRPANTTSTWEPPVS
SDDEASSQSKPLATQPPVLALSNAPPRRVSPTRGRRRHTRLRRN
;
B
#
# COMPACT_ATOMS: atom_id res chain seq x y z
N ARG A 2 1.66 -48.43 25.65
CA ARG A 2 3.01 -48.14 26.14
C ARG A 2 3.03 -47.73 27.60
N LEU A 3 4.24 -47.53 28.13
CA LEU A 3 4.43 -47.46 29.57
C LEU A 3 5.12 -46.20 29.98
N TRP A 4 4.41 -45.37 30.74
CA TRP A 4 4.90 -44.06 31.13
C TRP A 4 5.28 -44.05 32.59
N LEU A 5 6.56 -43.81 32.88
CA LEU A 5 7.00 -43.83 34.27
C LEU A 5 7.99 -42.72 34.58
N PRO A 6 7.48 -41.49 34.49
CA PRO A 6 8.22 -40.25 34.72
C PRO A 6 8.66 -40.09 36.17
N ASN A 7 9.76 -39.36 36.37
CA ASN A 7 10.37 -39.23 37.68
C ASN A 7 9.78 -38.08 38.49
N THR A 8 8.68 -38.35 39.18
CA THR A 8 8.16 -37.39 40.15
C THR A 8 9.21 -37.22 41.25
N PRO A 9 9.31 -36.03 41.82
CA PRO A 9 10.30 -35.77 42.87
C PRO A 9 9.80 -36.24 44.23
N ASP A 10 10.50 -35.80 45.26
CA ASP A 10 10.19 -36.19 46.61
C ASP A 10 10.31 -34.98 47.52
N ALA A 11 9.32 -34.76 48.37
CA ALA A 11 9.31 -33.61 49.26
C ALA A 11 10.68 -33.25 49.87
N SER A 12 11.57 -34.24 49.94
CA SER A 12 12.90 -34.06 50.50
C SER A 12 13.86 -33.34 49.55
N ASP A 13 13.76 -33.64 48.26
CA ASP A 13 14.62 -33.04 47.24
C ASP A 13 14.98 -31.61 47.58
N PRO A 14 16.28 -31.30 47.56
CA PRO A 14 16.72 -29.95 47.88
C PRO A 14 16.43 -28.98 46.74
N GLN A 15 16.25 -29.51 45.52
CA GLN A 15 15.94 -28.64 44.38
C GLN A 15 14.46 -28.67 43.97
N ARG A 16 14.04 -29.70 43.24
CA ARG A 16 12.67 -29.77 42.75
C ARG A 16 11.68 -30.29 43.79
N GLY A 17 12.07 -30.15 45.06
CA GLY A 17 11.30 -30.68 46.18
C GLY A 17 9.91 -30.10 46.33
N ARG A 18 9.78 -28.79 46.13
CA ARG A 18 8.48 -28.17 46.29
C ARG A 18 7.52 -28.61 45.18
N LEU A 19 8.01 -29.47 44.29
CA LEU A 19 7.23 -29.90 43.14
C LEU A 19 6.76 -31.35 43.25
N ALA A 20 6.86 -31.92 44.45
CA ALA A 20 6.45 -33.30 44.66
C ALA A 20 4.93 -33.39 44.54
N PRO A 21 4.42 -34.59 44.21
CA PRO A 21 2.98 -34.73 44.01
C PRO A 21 2.24 -34.74 45.35
N PRO A 22 1.02 -34.17 45.38
CA PRO A 22 0.12 -34.16 46.54
C PRO A 22 -0.04 -35.56 47.13
N GLY A 23 0.15 -35.70 48.43
CA GLY A 23 -0.05 -36.98 49.09
C GLY A 23 -1.25 -37.73 48.56
N GLU A 24 -2.28 -37.00 48.17
CA GLU A 24 -3.57 -37.61 47.85
C GLU A 24 -3.41 -38.74 46.85
N LEU A 25 -2.53 -38.50 45.92
CA LEU A 25 -2.41 -39.34 44.76
C LEU A 25 -1.84 -40.73 44.96
N ASN A 26 -1.03 -40.94 46.00
CA ASN A 26 -0.32 -42.20 46.12
C ASN A 26 0.53 -42.41 44.86
N LEU A 27 1.35 -41.45 44.49
CA LEU A 27 2.19 -41.64 43.32
C LEU A 27 3.44 -42.40 43.74
N THR A 28 3.30 -43.71 43.91
CA THR A 28 4.48 -44.52 44.14
C THR A 28 5.09 -44.95 42.81
N THR A 29 6.35 -45.34 42.83
CA THR A 29 6.98 -45.79 41.60
C THR A 29 6.15 -46.90 40.93
N ALA A 30 5.38 -47.65 41.70
CA ALA A 30 4.56 -48.72 41.14
C ALA A 30 3.24 -48.25 40.52
N SER A 31 2.85 -47.01 40.82
CA SER A 31 1.53 -46.51 40.46
C SER A 31 1.62 -45.50 39.33
N VAL A 32 2.76 -44.82 39.23
CA VAL A 32 2.87 -43.69 38.32
C VAL A 32 2.51 -44.01 36.88
N PRO A 33 2.75 -45.25 36.40
CA PRO A 33 2.11 -45.60 35.13
C PRO A 33 0.64 -45.50 35.42
N MET A 34 -0.24 -46.11 34.65
CA MET A 34 -1.64 -46.12 35.10
C MET A 34 -2.20 -44.72 34.92
N LEU A 35 -1.29 -43.78 34.68
CA LEU A 35 -1.63 -42.36 34.62
C LEU A 35 -2.45 -42.05 35.87
N ARG A 36 -3.53 -41.28 35.74
CA ARG A 36 -4.28 -40.87 36.95
C ARG A 36 -3.47 -39.84 37.73
N TRP A 37 -3.08 -38.79 37.00
CA TRP A 37 -2.28 -37.70 37.54
C TRP A 37 -3.12 -36.47 37.88
N TYR A 38 -4.39 -36.46 37.49
CA TYR A 38 -5.25 -35.29 37.74
C TYR A 38 -5.52 -35.07 39.21
N ALA A 39 -5.24 -33.86 39.68
CA ALA A 39 -5.69 -33.42 41.00
C ALA A 39 -6.26 -31.98 40.93
N GLU A 40 -7.55 -31.83 41.21
CA GLU A 40 -8.27 -30.55 41.02
C GLU A 40 -7.47 -29.30 41.36
N ARG A 41 -7.04 -29.21 42.61
CA ARG A 41 -6.33 -28.04 43.08
C ARG A 41 -4.94 -27.85 42.48
N PHE A 42 -4.57 -28.71 41.52
CA PHE A 42 -3.20 -28.75 41.02
C PHE A 42 -3.09 -28.75 39.52
N CYS A 43 -1.98 -28.24 39.04
CA CYS A 43 -1.65 -28.37 37.64
C CYS A 43 -0.34 -29.14 37.60
N PHE A 44 -0.27 -30.16 36.74
CA PHE A 44 0.98 -30.90 36.57
C PHE A 44 1.61 -30.63 35.21
N VAL A 45 2.93 -30.72 35.16
CA VAL A 45 3.69 -30.50 33.95
C VAL A 45 4.53 -31.72 33.68
N LEU A 46 4.19 -32.46 32.63
CA LEU A 46 4.98 -33.63 32.24
C LEU A 46 6.09 -33.24 31.25
N VAL A 47 7.30 -33.08 31.76
CA VAL A 47 8.40 -32.72 30.89
C VAL A 47 9.14 -33.94 30.33
N THR A 48 9.43 -33.93 29.04
CA THR A 48 10.29 -34.94 28.43
C THR A 48 11.25 -34.31 27.44
N THR A 49 12.48 -34.79 27.39
CA THR A 49 13.51 -34.18 26.58
C THR A 49 13.88 -35.04 25.36
N ALA A 50 14.98 -34.72 24.71
CA ALA A 50 15.37 -35.44 23.50
C ALA A 50 15.69 -36.93 23.73
N GLU A 51 16.12 -37.27 24.95
CA GLU A 51 16.61 -38.60 25.25
C GLU A 51 15.56 -39.63 25.67
N PHE A 52 14.28 -39.33 25.43
CA PHE A 52 13.19 -40.24 25.76
C PHE A 52 13.31 -41.51 24.93
N PRO A 53 13.09 -42.69 25.52
CA PRO A 53 12.63 -43.04 26.88
C PRO A 53 13.74 -43.23 27.89
N ARG A 54 14.98 -43.45 27.46
CA ARG A 54 16.08 -43.71 28.40
C ARG A 54 16.00 -42.73 29.57
N ASP A 55 15.71 -41.47 29.27
CA ASP A 55 15.30 -40.52 30.29
C ASP A 55 13.79 -40.34 30.22
N PRO A 56 13.06 -40.95 31.17
CA PRO A 56 11.61 -41.10 31.11
C PRO A 56 10.92 -39.77 31.34
N GLY A 57 11.73 -38.73 31.54
CA GLY A 57 11.21 -37.40 31.74
C GLY A 57 10.58 -37.29 33.11
N GLN A 58 10.34 -36.07 33.57
CA GLN A 58 9.84 -35.88 34.90
C GLN A 58 8.39 -35.37 34.91
N LEU A 59 7.73 -35.59 36.03
CA LEU A 59 6.37 -35.14 36.25
C LEU A 59 6.35 -34.15 37.40
N LEU A 60 6.07 -32.88 37.11
CA LEU A 60 6.14 -31.84 38.12
C LEU A 60 4.75 -31.39 38.58
N TYR A 61 4.64 -30.96 39.83
CA TYR A 61 3.34 -30.56 40.39
C TYR A 61 3.35 -29.20 41.05
N ILE A 62 2.45 -28.32 40.61
CA ILE A 62 2.28 -27.01 41.22
C ILE A 62 0.79 -26.74 41.50
N PRO A 63 0.47 -26.19 42.69
CA PRO A 63 -0.91 -25.82 43.01
C PRO A 63 -1.36 -24.68 42.13
N LYS A 64 -2.57 -24.79 41.58
CA LYS A 64 -3.08 -23.79 40.66
C LYS A 64 -2.91 -22.36 41.19
N THR A 65 -3.19 -22.17 42.48
CA THR A 65 -3.16 -20.83 43.07
C THR A 65 -1.81 -20.14 42.89
N TYR A 66 -0.76 -20.92 42.74
CA TYR A 66 0.57 -20.34 42.55
C TYR A 66 0.74 -19.77 41.14
N LEU A 67 -0.22 -20.05 40.27
CA LEU A 67 -0.19 -19.52 38.91
C LEU A 67 -1.15 -18.32 38.77
N LEU A 68 -1.99 -18.12 39.78
CA LEU A 68 -3.03 -17.10 39.72
C LEU A 68 -2.74 -15.90 40.64
N ALA A 90 1.23 3.77 31.32
CA ALA A 90 -0.06 4.46 31.34
C ALA A 90 -0.53 4.68 29.92
N GLU A 91 0.44 4.90 29.04
CA GLU A 91 0.17 5.32 27.67
C GLU A 91 0.45 4.23 26.64
N VAL A 92 1.58 3.54 26.78
CA VAL A 92 1.97 2.47 25.87
C VAL A 92 2.70 1.33 26.62
N THR A 93 1.97 0.25 26.93
CA THR A 93 2.52 -0.82 27.78
C THR A 93 2.59 -2.20 27.11
N GLN A 94 3.72 -2.91 27.29
CA GLN A 94 3.82 -4.29 26.82
C GLN A 94 3.02 -5.23 27.73
N LEU A 95 2.19 -6.09 27.13
CA LEU A 95 1.44 -7.07 27.92
C LEU A 95 2.17 -8.42 27.90
N LYS A 96 2.82 -8.73 29.02
CA LYS A 96 3.74 -9.86 29.13
C LYS A 96 3.12 -11.05 29.87
N GLY A 97 3.34 -12.24 29.34
CA GLY A 97 2.81 -13.44 29.96
C GLY A 97 1.67 -14.03 29.17
N LEU A 98 1.04 -15.07 29.71
CA LEU A 98 -0.07 -15.72 29.03
C LEU A 98 -1.43 -15.26 29.54
N SER A 99 -1.49 -14.94 30.83
CA SER A 99 -2.69 -14.35 31.39
C SER A 99 -2.27 -13.05 32.06
N HIS A 100 -3.16 -12.07 32.10
CA HIS A 100 -4.42 -12.11 31.37
C HIS A 100 -4.22 -11.26 30.14
N ASN A 101 -3.25 -11.66 29.34
CA ASN A 101 -2.92 -10.98 28.11
C ASN A 101 -3.92 -11.34 27.01
N PRO A 102 -4.65 -10.35 26.49
CA PRO A 102 -5.65 -10.62 25.45
C PRO A 102 -5.02 -11.19 24.17
N GLY A 103 -3.76 -10.83 23.92
CA GLY A 103 -3.09 -11.28 22.73
C GLY A 103 -2.51 -12.68 22.85
N ALA A 104 -2.46 -13.18 24.07
CA ALA A 104 -1.82 -14.47 24.34
C ALA A 104 -2.26 -15.48 23.31
N SER A 105 -3.58 -15.65 23.21
CA SER A 105 -4.16 -16.64 22.30
C SER A 105 -3.65 -16.57 20.85
N ALA A 106 -3.34 -15.36 20.39
CA ALA A 106 -2.96 -15.14 19.00
C ALA A 106 -1.52 -15.56 18.77
N LEU A 107 -0.74 -15.48 19.84
CA LEU A 107 0.64 -15.92 19.82
C LEU A 107 0.66 -17.43 19.86
N LEU A 108 -0.11 -18.00 20.78
CA LEU A 108 -0.19 -19.45 20.92
C LEU A 108 -0.69 -20.15 19.66
N ARG A 109 -1.40 -19.42 18.80
CA ARG A 109 -1.93 -20.00 17.56
C ARG A 109 -0.93 -19.91 16.44
N SER A 110 0.04 -19.03 16.58
CA SER A 110 0.93 -18.67 15.48
C SER A 110 1.87 -19.80 15.06
N ARG A 111 2.62 -19.56 13.98
CA ARG A 111 3.66 -20.50 13.58
C ARG A 111 5.03 -19.93 13.91
N ALA A 112 5.07 -18.84 14.67
CA ALA A 112 6.34 -18.19 14.97
C ALA A 112 7.36 -19.18 15.51
N TRP A 113 8.55 -19.18 14.91
CA TRP A 113 9.68 -20.03 15.30
C TRP A 113 9.46 -21.51 14.94
N VAL A 114 8.27 -21.82 14.47
CA VAL A 114 7.97 -23.16 13.97
C VAL A 114 8.29 -23.26 12.47
N THR A 115 7.82 -22.29 11.68
CA THR A 115 8.11 -22.25 10.25
C THR A 115 8.80 -20.96 9.76
N PHE A 116 8.66 -19.86 10.51
CA PHE A 116 9.45 -18.65 10.22
C PHE A 116 10.27 -18.11 11.39
N ALA A 117 11.27 -17.31 11.08
CA ALA A 117 11.98 -16.54 12.08
C ALA A 117 11.79 -15.05 11.78
N ALA A 118 10.81 -14.42 12.44
CA ALA A 118 10.39 -13.06 12.09
C ALA A 118 11.29 -12.02 12.69
N ALA A 119 12.22 -12.46 13.52
CA ALA A 119 13.17 -11.57 14.16
C ALA A 119 14.52 -12.26 14.23
N PRO A 120 15.17 -12.48 13.07
CA PRO A 120 16.42 -13.24 12.95
C PRO A 120 17.56 -12.60 13.73
N ASP A 121 18.61 -13.39 13.99
CA ASP A 121 19.82 -12.89 14.66
C ASP A 121 20.47 -11.77 13.87
N ARG A 122 20.53 -10.59 14.46
CA ARG A 122 21.20 -9.46 13.81
C ARG A 122 22.73 -9.56 13.98
N GLU A 123 23.44 -9.66 12.87
CA GLU A 123 24.90 -9.66 12.90
C GLU A 123 25.47 -8.26 12.65
N GLY A 124 25.48 -7.43 13.69
CA GLY A 124 25.98 -6.07 13.58
C GLY A 124 25.15 -5.22 12.64
N LEU A 125 23.91 -5.67 12.38
CA LEU A 125 22.98 -4.91 11.54
C LEU A 125 22.71 -3.58 12.20
N THR A 126 23.00 -2.51 11.49
CA THR A 126 23.03 -1.20 12.11
C THR A 126 22.05 -0.25 11.44
N PHE A 127 21.36 0.54 12.25
CA PHE A 127 20.46 1.58 11.76
C PHE A 127 20.94 2.96 12.16
N PRO A 128 21.81 3.56 11.35
CA PRO A 128 22.43 4.82 11.74
C PRO A 128 21.38 5.90 12.03
N ARG A 129 21.71 6.84 12.91
CA ARG A 129 20.93 8.05 13.09
C ARG A 129 20.95 8.80 11.76
N GLY A 130 19.92 9.59 11.48
CA GLY A 130 19.86 10.33 10.23
C GLY A 130 19.62 11.82 10.38
N ASP A 131 20.09 12.62 9.41
CA ASP A 131 19.77 14.05 9.38
C ASP A 131 18.26 14.21 9.32
N ASP A 132 17.75 15.36 9.74
CA ASP A 132 16.30 15.57 9.80
C ASP A 132 15.75 14.78 10.99
N GLY A 133 16.51 13.76 11.41
CA GLY A 133 16.16 12.94 12.55
C GLY A 133 16.14 13.77 13.83
N ALA A 134 15.01 13.72 14.51
CA ALA A 134 14.78 14.54 15.70
C ALA A 134 15.95 14.47 16.67
N THR A 135 16.37 15.65 17.16
CA THR A 135 17.47 15.76 18.11
C THR A 135 17.04 16.54 19.36
N GLU A 136 17.81 16.43 20.44
CA GLU A 136 17.49 17.15 21.67
C GLU A 136 17.22 18.64 21.43
N ARG A 137 17.92 19.21 20.44
CA ARG A 137 17.72 20.61 20.02
C ARG A 137 16.37 20.87 19.34
N HIS A 138 16.02 20.03 18.35
CA HIS A 138 14.75 20.09 17.62
C HIS A 138 13.97 18.77 17.77
N PRO A 139 13.07 18.68 18.79
CA PRO A 139 12.33 17.45 19.08
C PRO A 139 11.34 17.05 17.98
N ASP A 140 11.15 17.94 17.01
CA ASP A 140 10.19 17.68 15.94
C ASP A 140 10.94 17.29 14.68
N GLY A 141 12.16 17.80 14.55
CA GLY A 141 13.00 17.52 13.40
C GLY A 141 13.87 18.70 13.06
N ARG A 142 15.02 18.41 12.48
CA ARG A 142 15.94 19.47 12.07
C ARG A 142 15.29 20.31 10.97
N ARG A 143 14.86 19.64 9.91
CA ARG A 143 14.28 20.28 8.73
C ARG A 143 12.75 20.26 8.77
N ASN A 144 12.21 19.96 9.94
CA ASN A 144 10.78 20.10 10.20
C ASN A 144 10.27 21.53 9.96
N ALA A 145 9.01 21.65 9.56
CA ALA A 145 8.32 22.94 9.44
C ALA A 145 6.93 22.78 10.06
N PRO A 146 6.84 23.03 11.39
CA PRO A 146 5.70 22.55 12.18
C PRO A 146 4.37 23.05 11.65
N PRO A 147 3.29 22.25 11.81
CA PRO A 147 1.97 22.72 11.43
C PRO A 147 1.56 23.83 12.40
N PRO A 148 1.21 25.01 11.87
CA PRO A 148 0.99 26.16 12.74
C PRO A 148 -0.30 25.99 13.50
N GLY A 149 -0.44 26.69 14.62
CA GLY A 149 -1.67 26.61 15.39
C GLY A 149 -2.74 27.53 14.86
N PRO A 150 -4.01 27.21 15.11
CA PRO A 150 -5.00 28.24 14.81
C PRO A 150 -4.61 29.49 15.60
N PRO A 151 -4.56 30.67 14.93
CA PRO A 151 -4.14 31.93 15.54
C PRO A 151 -5.02 32.35 16.71
N ALA A 152 -4.50 33.26 17.54
CA ALA A 152 -5.21 33.73 18.73
C ALA A 152 -6.66 34.14 18.44
N GLY A 153 -7.59 33.54 19.19
CA GLY A 153 -8.99 33.89 19.11
C GLY A 153 -9.62 33.64 17.75
N THR A 154 -9.29 32.48 17.17
CA THR A 154 -9.98 32.01 15.97
C THR A 154 -10.97 30.93 16.37
N PRO A 155 -12.19 31.02 15.82
CA PRO A 155 -13.27 30.10 16.16
C PRO A 155 -12.97 28.71 15.63
N ARG A 156 -13.69 27.72 16.14
CA ARG A 156 -13.51 26.34 15.73
C ARG A 156 -14.87 25.67 15.50
N HIS A 157 -15.46 25.90 14.33
CA HIS A 157 -16.81 25.40 14.03
C HIS A 157 -16.92 23.88 14.03
N PRO A 158 -18.17 23.37 14.03
CA PRO A 158 -18.45 21.94 13.88
C PRO A 158 -18.64 21.60 12.41
N THR A 159 -18.47 20.33 12.06
CA THR A 159 -18.63 19.89 10.68
C THR A 159 -20.10 19.68 10.34
N THR A 160 -20.87 20.76 10.35
CA THR A 160 -22.31 20.69 10.11
C THR A 160 -22.77 22.04 9.53
N ASN A 161 -22.42 23.12 10.26
CA ASN A 161 -22.52 24.50 9.77
C ASN A 161 -21.36 24.83 8.82
N LEU A 162 -21.21 24.01 7.77
CA LEU A 162 -20.13 24.20 6.80
C LEU A 162 -20.66 24.79 5.49
N SER A 163 -20.35 26.07 5.24
CA SER A 163 -20.86 26.78 4.08
C SER A 163 -19.87 26.80 2.93
N ILE A 164 -20.34 27.15 1.73
CA ILE A 164 -19.48 27.24 0.57
C ILE A 164 -18.50 28.41 0.74
N ALA A 165 -18.88 29.36 1.57
CA ALA A 165 -18.00 30.48 1.89
C ALA A 165 -16.83 29.99 2.74
N HIS A 166 -17.16 29.20 3.76
CA HIS A 166 -16.16 28.49 4.57
C HIS A 166 -15.18 27.74 3.67
N LEU A 167 -15.74 26.98 2.72
CA LEU A 167 -14.93 26.19 1.80
C LEU A 167 -13.98 27.06 1.01
N HIS A 168 -14.37 28.28 0.67
CA HIS A 168 -13.48 29.15 -0.09
C HIS A 168 -12.35 29.74 0.76
N ASN A 169 -12.70 30.28 1.93
CA ASN A 169 -11.71 30.72 2.89
C ASN A 169 -11.16 29.51 3.68
N ALA A 170 -11.08 28.35 3.03
CA ALA A 170 -10.83 27.09 3.73
C ALA A 170 -9.41 26.97 4.22
N SER A 171 -8.53 27.80 3.70
CA SER A 171 -7.16 27.75 4.13
C SER A 171 -7.00 28.50 5.44
N VAL A 172 -8.12 28.94 6.02
CA VAL A 172 -8.10 29.79 7.22
C VAL A 172 -9.32 29.56 8.08
N THR A 173 -9.98 28.43 7.83
CA THR A 173 -11.16 28.05 8.58
C THR A 173 -10.80 26.84 9.43
N TRP A 174 -10.95 26.96 10.73
CA TRP A 174 -10.54 25.88 11.61
C TRP A 174 -11.71 25.07 12.18
N LEU A 175 -11.55 23.75 12.20
CA LEU A 175 -12.51 22.89 12.88
C LEU A 175 -11.87 22.32 14.14
N ALA A 176 -12.63 22.24 15.22
CA ALA A 176 -12.08 21.68 16.45
C ALA A 176 -11.99 20.17 16.31
N ALA A 177 -10.88 19.61 16.78
CA ALA A 177 -10.63 18.21 16.53
C ALA A 177 -11.51 17.35 17.41
N ARG A 178 -11.82 17.86 18.60
CA ARG A 178 -12.61 17.07 19.54
C ARG A 178 -14.00 16.83 18.99
N GLY A 179 -14.31 15.57 18.71
CA GLY A 179 -15.62 15.17 18.23
C GLY A 179 -15.65 14.98 16.73
N LEU A 180 -14.56 15.37 16.08
CA LEU A 180 -14.38 15.12 14.66
C LEU A 180 -13.38 13.98 14.54
N LEU A 181 -12.24 14.16 15.19
CA LEU A 181 -11.24 13.11 15.29
C LEU A 181 -11.83 11.92 16.05
N ARG A 182 -11.37 10.72 15.69
CA ARG A 182 -11.76 9.52 16.41
C ARG A 182 -11.37 9.73 17.89
N THR A 183 -12.25 9.38 18.82
CA THR A 183 -11.89 9.57 20.22
C THR A 183 -11.08 8.37 20.70
N PRO A 184 -9.90 8.63 21.29
CA PRO A 184 -8.98 7.54 21.60
C PRO A 184 -9.64 6.54 22.53
N GLY A 185 -9.41 5.25 22.36
CA GLY A 185 -9.92 4.25 23.29
C GLY A 185 -8.95 3.08 23.33
N ARG A 186 -8.88 2.35 24.45
CA ARG A 186 -7.83 1.35 24.53
C ARG A 186 -7.90 0.29 23.42
N TYR A 187 -6.73 -0.23 23.06
CA TYR A 187 -6.59 -1.13 21.92
C TYR A 187 -5.31 -1.94 22.05
N VAL A 188 -5.35 -3.22 21.69
CA VAL A 188 -4.16 -4.06 21.76
C VAL A 188 -3.63 -4.38 20.36
N TYR A 189 -2.37 -4.06 20.15
CA TYR A 189 -1.74 -4.25 18.86
C TYR A 189 -0.94 -5.56 18.85
N LEU A 190 -1.31 -6.46 17.94
CA LEU A 190 -0.59 -7.69 17.79
C LEU A 190 0.29 -7.59 16.56
N SER A 191 1.60 -7.62 16.75
CA SER A 191 2.48 -7.73 15.60
C SER A 191 2.13 -9.00 14.88
N PRO A 192 2.10 -8.96 13.54
CA PRO A 192 1.83 -10.11 12.67
C PRO A 192 2.91 -11.21 12.78
N SER A 193 4.04 -10.86 13.40
CA SER A 193 5.17 -11.75 13.48
C SER A 193 4.95 -12.75 14.59
N ALA A 194 4.06 -12.38 15.51
CA ALA A 194 3.82 -13.14 16.74
C ALA A 194 5.12 -13.36 17.48
N SER A 195 6.10 -12.50 17.21
CA SER A 195 7.41 -12.62 17.81
C SER A 195 7.71 -11.45 18.72
N THR A 196 6.66 -10.77 19.18
CA THR A 196 6.77 -9.64 20.09
C THR A 196 5.56 -9.61 21.01
N TRP A 197 5.77 -9.16 22.23
CA TRP A 197 4.67 -9.04 23.18
C TRP A 197 3.63 -8.10 22.61
N PRO A 198 2.33 -8.44 22.74
CA PRO A 198 1.27 -7.49 22.39
C PRO A 198 1.52 -6.15 23.07
N VAL A 199 1.27 -5.04 22.37
CA VAL A 199 1.39 -3.69 22.96
C VAL A 199 0.02 -3.07 23.21
N GLY A 200 -0.20 -2.59 24.43
CA GLY A 200 -1.45 -1.92 24.77
C GLY A 200 -1.37 -0.42 24.57
N VAL A 201 -2.32 0.11 23.79
CA VAL A 201 -2.27 1.50 23.38
C VAL A 201 -3.63 2.16 23.39
N TRP A 202 -3.62 3.48 23.21
CA TRP A 202 -4.81 4.27 22.98
C TRP A 202 -4.83 4.60 21.50
N THR A 203 -5.67 3.92 20.75
CA THR A 203 -5.60 4.09 19.32
C THR A 203 -6.26 5.39 18.88
N THR A 204 -5.68 6.00 17.87
CA THR A 204 -6.20 7.23 17.32
C THR A 204 -6.67 6.96 15.90
N GLY A 205 -6.98 5.69 15.64
CA GLY A 205 -7.38 5.26 14.31
C GLY A 205 -6.26 4.63 13.51
N GLY A 206 -6.42 4.60 12.19
CA GLY A 206 -5.42 4.04 11.33
C GLY A 206 -5.60 4.44 9.88
N LEU A 207 -4.63 4.05 9.06
CA LEU A 207 -4.70 4.21 7.62
C LEU A 207 -4.31 2.88 7.01
N ALA A 208 -5.12 2.35 6.09
CA ALA A 208 -4.73 1.14 5.37
C ALA A 208 -5.03 1.26 3.89
N PHE A 209 -4.17 0.68 3.05
CA PHE A 209 -4.38 0.67 1.61
C PHE A 209 -3.68 -0.48 0.92
N GLY A 210 -4.18 -0.84 -0.25
CA GLY A 210 -3.54 -1.88 -1.03
C GLY A 210 -4.21 -2.14 -2.35
N CYS A 211 -3.73 -3.16 -3.04
CA CYS A 211 -4.33 -3.61 -4.28
C CYS A 211 -4.27 -5.13 -4.36
N ASP A 212 -4.42 -5.67 -5.55
CA ASP A 212 -4.37 -7.10 -5.75
C ASP A 212 -2.97 -7.70 -5.63
N ALA A 213 -2.02 -6.89 -5.16
CA ALA A 213 -0.64 -7.35 -5.08
C ALA A 213 0.17 -6.63 -3.98
N ALA A 214 -0.53 -6.01 -3.04
CA ALA A 214 0.16 -5.40 -1.89
C ALA A 214 -0.84 -4.89 -0.86
N LEU A 215 -0.45 -4.98 0.41
CA LEU A 215 -1.29 -4.47 1.49
C LEU A 215 -0.48 -3.84 2.56
N VAL A 216 -0.72 -2.55 2.79
CA VAL A 216 -0.07 -1.85 3.90
C VAL A 216 -1.11 -1.41 4.91
N ARG A 217 -0.77 -1.57 6.18
CA ARG A 217 -1.69 -1.27 7.25
C ARG A 217 -0.94 -0.61 8.40
N ALA A 218 -1.35 0.63 8.69
CA ALA A 218 -0.80 1.42 9.79
C ALA A 218 -1.81 1.54 10.90
N ARG A 219 -1.37 1.39 12.13
CA ARG A 219 -2.25 1.59 13.26
C ARG A 219 -1.67 2.71 14.11
N TYR A 220 -2.43 3.76 14.33
CA TYR A 220 -1.97 4.87 15.13
C TYR A 220 -2.50 4.80 16.53
N GLY A 221 -1.67 5.22 17.47
CA GLY A 221 -2.04 5.25 18.87
C GLY A 221 -1.37 6.48 19.42
N LYS A 222 -1.80 6.97 20.57
CA LYS A 222 -1.12 8.13 21.11
C LYS A 222 0.25 7.61 21.47
N GLY A 223 1.28 8.23 20.92
CA GLY A 223 2.63 7.86 21.23
C GLY A 223 3.09 6.62 20.49
N PHE A 224 2.26 6.08 19.62
CA PHE A 224 2.64 4.86 18.92
C PHE A 224 2.11 4.71 17.51
N MET A 225 2.90 4.07 16.67
CA MET A 225 2.47 3.63 15.35
C MET A 225 2.86 2.20 15.06
N GLY A 226 1.92 1.42 14.54
CA GLY A 226 2.18 0.06 14.11
C GLY A 226 1.99 -0.06 12.60
N LEU A 227 3.06 -0.40 11.91
CA LEU A 227 3.02 -0.35 10.46
C LEU A 227 3.52 -1.63 9.80
N VAL A 228 2.67 -2.27 9.01
CA VAL A 228 3.06 -3.43 8.22
C VAL A 228 2.95 -3.10 6.73
N ILE A 229 4.06 -3.25 6.00
CA ILE A 229 4.05 -3.18 4.55
C ILE A 229 4.18 -4.57 3.94
N SER A 230 3.21 -5.02 3.16
CA SER A 230 3.35 -6.33 2.52
C SER A 230 3.14 -6.25 1.02
N MET A 231 3.84 -7.10 0.29
CA MET A 231 3.77 -7.16 -1.17
C MET A 231 3.59 -8.59 -1.64
N ARG A 232 3.06 -8.78 -2.84
CA ARG A 232 2.79 -10.14 -3.30
C ARG A 232 4.06 -10.99 -3.35
N ASP A 233 5.09 -10.50 -4.04
CA ASP A 233 6.27 -11.30 -4.33
C ASP A 233 7.51 -10.95 -3.50
N SER A 234 7.30 -10.38 -2.31
CA SER A 234 8.41 -9.87 -1.52
C SER A 234 8.04 -10.12 -0.09
N PRO A 235 9.06 -10.29 0.76
CA PRO A 235 8.78 -10.48 2.18
C PRO A 235 8.29 -9.17 2.78
N PRO A 236 7.57 -9.26 3.91
CA PRO A 236 6.98 -8.08 4.55
C PRO A 236 8.05 -7.31 5.27
N ALA A 237 7.63 -6.17 5.81
CA ALA A 237 8.47 -5.27 6.58
C ALA A 237 7.62 -4.81 7.73
N GLU A 238 8.18 -4.73 8.93
CA GLU A 238 7.42 -4.18 10.03
C GLU A 238 8.21 -3.13 10.83
N ILE A 239 7.55 -2.02 11.12
CA ILE A 239 8.06 -0.93 11.93
C ILE A 239 7.11 -0.78 13.12
N ILE A 240 7.64 -0.70 14.34
CA ILE A 240 6.84 -0.34 15.52
C ILE A 240 7.41 0.90 16.22
N VAL A 241 6.66 2.00 16.23
CA VAL A 241 7.11 3.27 16.79
C VAL A 241 6.51 3.44 18.18
N VAL A 242 7.35 3.76 19.15
CA VAL A 242 6.91 3.86 20.56
C VAL A 242 7.64 4.99 21.26
N PRO A 243 7.12 5.45 22.41
CA PRO A 243 7.80 6.49 23.23
C PRO A 243 9.29 6.14 23.43
N ALA A 244 10.16 7.15 23.48
CA ALA A 244 11.61 6.89 23.49
C ALA A 244 12.13 6.01 24.63
N ASP A 245 11.40 5.95 25.74
CA ASP A 245 11.86 5.23 26.91
C ASP A 245 11.37 3.78 26.97
N LYS A 246 10.64 3.34 25.94
CA LYS A 246 10.15 1.98 25.88
C LYS A 246 11.12 1.08 25.13
N THR A 247 11.01 -0.22 25.35
CA THR A 247 11.93 -1.20 24.76
C THR A 247 11.20 -2.50 24.48
N LEU A 248 11.26 -2.94 23.22
CA LEU A 248 10.52 -4.10 22.77
C LEU A 248 11.45 -5.26 22.50
N ALA A 249 11.21 -6.38 23.19
CA ALA A 249 12.08 -7.55 23.04
C ALA A 249 11.53 -8.45 21.95
N ARG A 250 12.40 -9.26 21.35
CA ARG A 250 11.93 -10.35 20.50
C ARG A 250 11.56 -11.54 21.39
N VAL A 251 10.32 -12.00 21.22
CA VAL A 251 9.75 -12.94 22.15
C VAL A 251 9.64 -14.33 21.57
N GLY A 252 10.08 -15.31 22.36
CA GLY A 252 9.90 -16.70 22.02
C GLY A 252 11.11 -17.41 21.45
N ASN A 253 12.21 -16.71 21.27
CA ASN A 253 13.41 -17.39 20.80
C ASN A 253 14.16 -18.03 21.97
N PRO A 254 14.25 -19.37 22.00
CA PRO A 254 14.78 -20.04 23.19
C PRO A 254 16.24 -19.67 23.50
N THR A 255 16.98 -19.21 22.49
CA THR A 255 18.41 -18.92 22.63
C THR A 255 18.69 -17.64 23.44
N ASP A 256 17.63 -16.89 23.73
CA ASP A 256 17.73 -15.72 24.58
C ASP A 256 17.15 -16.03 25.95
N GLU A 257 17.65 -17.08 26.60
CA GLU A 257 17.07 -17.44 27.89
C GLU A 257 17.47 -16.48 29.00
N ASN A 258 18.72 -16.00 28.97
CA ASN A 258 19.21 -15.03 29.95
C ASN A 258 18.48 -13.68 29.92
N ALA A 259 18.59 -12.97 28.79
CA ALA A 259 17.90 -11.69 28.60
C ALA A 259 17.34 -11.66 27.20
N PRO A 260 16.09 -11.15 27.04
CA PRO A 260 15.44 -11.23 25.72
C PRO A 260 16.12 -10.28 24.74
N ALA A 261 16.18 -10.67 23.47
CA ALA A 261 16.91 -9.92 22.46
C ALA A 261 16.13 -8.72 21.92
N VAL A 262 16.43 -7.54 22.43
CA VAL A 262 15.75 -6.34 21.98
C VAL A 262 15.80 -6.24 20.44
N LEU A 263 14.70 -5.80 19.84
CA LEU A 263 14.61 -5.74 18.39
C LEU A 263 15.58 -4.74 17.79
N PRO A 264 15.99 -4.98 16.55
CA PRO A 264 16.94 -4.07 15.90
C PRO A 264 16.25 -2.74 15.71
N GLY A 265 16.99 -1.70 15.38
CA GLY A 265 16.37 -0.43 15.08
C GLY A 265 17.31 0.73 15.30
N PRO A 266 16.94 1.91 14.80
CA PRO A 266 17.68 3.16 15.00
C PRO A 266 17.79 3.48 16.50
N PRO A 267 18.82 4.25 16.89
CA PRO A 267 18.94 4.63 18.30
C PRO A 267 17.81 5.59 18.65
N ALA A 268 17.41 5.64 19.91
CA ALA A 268 16.22 6.40 20.30
C ALA A 268 16.37 7.93 20.19
N GLY A 269 15.41 8.55 19.53
CA GLY A 269 15.39 10.00 19.43
C GLY A 269 14.84 10.66 20.69
N PRO A 270 14.43 11.92 20.51
CA PRO A 270 13.80 12.76 21.55
C PRO A 270 12.40 12.37 22.05
N ARG A 271 11.46 12.06 21.15
CA ARG A 271 10.15 11.60 21.59
C ARG A 271 9.83 10.15 21.22
N TYR A 272 10.42 9.68 20.12
CA TYR A 272 10.10 8.33 19.65
C TYR A 272 11.32 7.42 19.53
N ARG A 273 11.14 6.14 19.83
CA ARG A 273 12.12 5.12 19.50
C ARG A 273 11.52 4.13 18.50
N VAL A 274 12.24 3.84 17.43
CA VAL A 274 11.68 2.99 16.38
C VAL A 274 12.28 1.59 16.31
N PHE A 275 11.40 0.58 16.25
CA PHE A 275 11.83 -0.80 16.14
C PHE A 275 11.43 -1.42 14.80
N VAL A 276 12.21 -2.37 14.32
CA VAL A 276 11.92 -3.00 13.03
C VAL A 276 12.04 -4.52 13.03
N LEU A 277 11.18 -5.15 12.24
CA LEU A 277 11.27 -6.59 12.03
C LEU A 277 11.48 -6.88 10.55
N GLY A 278 12.23 -7.94 10.28
CA GLY A 278 12.41 -8.42 8.91
C GLY A 278 13.31 -7.57 8.04
N ALA A 279 14.44 -7.19 8.61
CA ALA A 279 15.49 -6.62 7.79
C ALA A 279 16.16 -7.82 7.15
N PRO A 280 16.77 -7.62 5.97
CA PRO A 280 17.52 -8.69 5.30
C PRO A 280 18.90 -8.96 5.93
N ASN A 285 21.00 -8.86 -0.32
CA ASN A 285 19.93 -8.04 -0.89
C ASN A 285 20.06 -6.57 -0.47
N GLY A 286 20.76 -5.78 -1.29
CA GLY A 286 21.19 -4.44 -0.90
C GLY A 286 20.16 -3.39 -0.51
N SER A 287 19.33 -2.99 -1.47
CA SER A 287 18.42 -1.85 -1.31
C SER A 287 17.24 -2.11 -0.37
N ALA A 288 16.81 -3.36 -0.28
CA ALA A 288 15.74 -3.69 0.64
C ALA A 288 16.10 -3.14 2.00
N LEU A 289 17.34 -3.37 2.45
CA LEU A 289 17.80 -2.84 3.73
C LEU A 289 17.80 -1.32 3.70
N ASP A 290 18.39 -0.73 2.67
CA ASP A 290 18.38 0.72 2.57
C ASP A 290 16.98 1.35 2.79
N ALA A 291 16.00 0.94 2.01
CA ALA A 291 14.64 1.49 2.11
C ALA A 291 14.14 1.40 3.52
N LEU A 292 14.35 0.24 4.12
CA LEU A 292 13.87 0.00 5.45
C LEU A 292 14.56 0.91 6.48
N ARG A 293 15.79 1.35 6.20
CA ARG A 293 16.41 2.36 7.06
C ARG A 293 15.68 3.70 6.88
N ARG A 294 15.37 4.04 5.63
CA ARG A 294 14.67 5.28 5.35
C ARG A 294 13.36 5.29 6.08
N VAL A 295 12.70 4.12 6.10
CA VAL A 295 11.35 3.97 6.66
C VAL A 295 11.32 4.11 8.19
N ALA A 296 12.21 3.41 8.87
CA ALA A 296 12.37 3.55 10.32
C ALA A 296 12.78 4.96 10.69
N GLY A 297 13.22 5.74 9.71
CA GLY A 297 13.59 7.12 9.95
C GLY A 297 12.46 8.12 9.86
N TYR A 298 11.42 7.78 9.09
CA TYR A 298 10.36 8.74 8.71
C TYR A 298 9.55 9.34 9.86
N PRO A 299 9.19 8.53 10.87
CA PRO A 299 8.28 9.05 11.90
C PRO A 299 8.88 10.17 12.73
N GLU A 300 10.20 10.18 12.89
CA GLU A 300 10.85 11.21 13.70
C GLU A 300 11.23 12.47 12.93
N GLU A 301 10.99 12.50 11.63
CA GLU A 301 11.49 13.57 10.76
C GLU A 301 10.63 14.85 10.69
N SER A 302 9.33 14.73 10.86
CA SER A 302 8.46 15.89 10.78
C SER A 302 7.16 15.71 11.55
N THR A 303 6.42 16.81 11.74
CA THR A 303 5.12 16.74 12.39
C THR A 303 4.05 17.25 11.45
N ASN A 304 4.46 17.59 10.23
CA ASN A 304 3.60 18.18 9.21
C ASN A 304 3.25 17.15 8.14
N TYR A 305 1.98 16.77 8.07
CA TYR A 305 1.59 15.72 7.15
C TYR A 305 2.00 16.09 5.75
N ALA A 306 2.20 17.38 5.52
CA ALA A 306 2.49 17.86 4.18
C ALA A 306 3.91 17.50 3.78
N GLN A 307 4.88 17.75 4.65
CA GLN A 307 6.27 17.44 4.30
C GLN A 307 6.46 15.99 3.82
N TYR A 308 5.62 15.06 4.29
CA TYR A 308 5.69 13.66 3.88
C TYR A 308 5.13 13.46 2.49
N MET A 309 3.88 13.90 2.30
CA MET A 309 3.25 13.98 1.01
C MET A 309 4.20 14.53 -0.06
N SER A 310 4.87 15.62 0.25
CA SER A 310 5.72 16.27 -0.73
C SER A 310 6.83 15.32 -1.15
N ARG A 311 7.48 14.72 -0.16
CA ARG A 311 8.62 13.88 -0.47
C ARG A 311 8.11 12.63 -1.19
N ALA A 312 6.89 12.22 -0.87
CA ALA A 312 6.26 11.09 -1.56
C ALA A 312 6.11 11.36 -3.05
N TYR A 313 5.56 12.52 -3.41
CA TYR A 313 5.30 12.86 -4.79
C TYR A 313 6.62 13.02 -5.52
N ALA A 314 7.67 13.39 -4.80
CA ALA A 314 8.97 13.55 -5.42
C ALA A 314 9.62 12.20 -5.67
N GLU A 315 9.57 11.32 -4.67
CA GLU A 315 10.17 9.98 -4.81
C GLU A 315 9.49 9.21 -5.95
N PHE A 316 8.20 9.49 -6.19
CA PHE A 316 7.44 8.85 -7.26
C PHE A 316 7.87 9.23 -8.68
N LEU A 317 8.36 10.46 -8.86
CA LEU A 317 8.87 10.90 -10.14
C LEU A 317 10.27 10.39 -10.42
N GLY A 318 10.96 9.87 -9.40
CA GLY A 318 12.31 9.40 -9.59
C GLY A 318 12.45 7.92 -9.87
N GLU A 319 11.33 7.24 -10.13
CA GLU A 319 11.39 5.79 -10.26
C GLU A 319 12.10 5.39 -11.54
N ASP A 320 12.93 4.36 -11.44
CA ASP A 320 13.69 3.82 -12.56
C ASP A 320 12.75 3.18 -13.59
N PRO A 321 13.02 3.38 -14.89
CA PRO A 321 12.16 2.88 -15.97
C PRO A 321 12.29 1.37 -16.19
N GLY A 322 13.40 0.80 -15.74
CA GLY A 322 13.80 -0.58 -16.03
C GLY A 322 12.85 -1.70 -15.61
N SER A 323 12.27 -1.61 -14.43
CA SER A 323 11.35 -2.65 -13.97
C SER A 323 10.06 -2.70 -14.80
N GLY A 324 9.81 -1.67 -15.61
CA GLY A 324 8.63 -1.62 -16.45
C GLY A 324 7.35 -1.45 -15.65
N THR A 325 6.51 -2.46 -15.65
CA THR A 325 5.28 -2.40 -14.86
C THR A 325 5.35 -3.37 -13.69
N ASP A 326 6.54 -3.94 -13.50
CA ASP A 326 6.78 -4.88 -12.41
C ASP A 326 6.84 -4.11 -11.12
N ALA A 327 6.74 -4.82 -10.02
CA ALA A 327 6.90 -4.24 -8.71
C ALA A 327 8.34 -3.77 -8.43
N ARG A 328 8.43 -2.73 -7.63
CA ARG A 328 9.68 -2.15 -7.22
C ARG A 328 9.62 -2.10 -5.70
N PRO A 329 10.01 -3.20 -5.06
CA PRO A 329 9.91 -3.30 -3.60
C PRO A 329 10.60 -2.15 -2.88
N SER A 330 11.80 -1.77 -3.31
CA SER A 330 12.50 -0.68 -2.65
C SER A 330 11.64 0.57 -2.58
N LEU A 331 11.15 1.00 -3.74
CA LEU A 331 10.34 2.20 -3.87
C LEU A 331 9.07 2.13 -3.05
N PHE A 332 8.34 1.04 -3.21
CA PHE A 332 7.02 0.90 -2.58
C PHE A 332 7.12 1.01 -1.09
N TRP A 333 8.17 0.43 -0.51
CA TRP A 333 8.40 0.54 0.93
C TRP A 333 8.56 2.00 1.34
N ARG A 334 9.36 2.75 0.58
CA ARG A 334 9.58 4.16 0.86
C ARG A 334 8.28 4.94 0.73
N LEU A 335 7.57 4.70 -0.37
CA LEU A 335 6.31 5.39 -0.59
C LEU A 335 5.28 5.07 0.47
N ALA A 336 5.10 3.80 0.78
CA ALA A 336 4.07 3.37 1.73
C ALA A 336 4.40 3.87 3.12
N GLY A 337 5.69 4.00 3.41
CA GLY A 337 6.11 4.46 4.71
C GLY A 337 5.92 5.96 4.87
N LEU A 338 6.10 6.67 3.76
CA LEU A 338 5.84 8.11 3.74
C LEU A 338 4.37 8.44 3.99
N LEU A 339 3.46 7.70 3.37
CA LEU A 339 2.05 7.97 3.52
C LEU A 339 1.52 7.60 4.89
N ALA A 340 1.95 6.45 5.39
CA ALA A 340 1.56 6.00 6.73
C ALA A 340 2.04 7.01 7.76
N SER A 341 3.27 7.45 7.57
CA SER A 341 3.90 8.45 8.42
C SER A 341 3.22 9.82 8.34
N SER A 342 2.61 10.13 7.21
CA SER A 342 1.97 11.43 7.12
C SER A 342 0.68 11.41 7.92
N GLY A 343 0.00 10.27 7.89
CA GLY A 343 -1.23 10.09 8.63
C GLY A 343 -0.92 10.14 10.11
N PHE A 344 0.29 9.70 10.46
CA PHE A 344 0.75 9.78 11.85
C PHE A 344 1.00 11.23 12.25
N ALA A 345 1.58 12.01 11.34
CA ALA A 345 1.83 13.42 11.62
C ALA A 345 0.53 14.19 11.65
N PHE A 346 -0.42 13.78 10.81
CA PHE A 346 -1.71 14.44 10.73
C PHE A 346 -2.53 14.24 11.98
N VAL A 347 -2.82 13.00 12.31
CA VAL A 347 -3.61 12.75 13.51
C VAL A 347 -2.90 13.30 14.76
N ASN A 348 -1.57 13.39 14.71
CA ASN A 348 -0.79 13.91 15.83
C ASN A 348 -0.88 15.41 15.97
N ALA A 349 -0.58 16.09 14.87
CA ALA A 349 -0.71 17.54 14.81
C ALA A 349 -2.10 18.00 15.27
N ALA A 350 -3.12 17.24 14.91
CA ALA A 350 -4.48 17.63 15.27
C ALA A 350 -4.62 17.74 16.78
N HIS A 351 -4.61 16.59 17.47
CA HIS A 351 -4.65 16.56 18.92
C HIS A 351 -3.80 17.68 19.51
N ALA A 352 -2.58 17.84 18.99
CA ALA A 352 -1.62 18.85 19.49
C ALA A 352 -2.29 20.18 19.84
N HIS A 353 -2.60 20.98 18.84
CA HIS A 353 -3.28 22.26 19.10
C HIS A 353 -4.82 22.15 18.95
N ASP A 354 -5.31 20.91 19.07
CA ASP A 354 -6.74 20.62 19.01
C ASP A 354 -7.49 21.38 17.96
N ALA A 355 -7.13 21.16 16.70
CA ALA A 355 -7.80 21.81 15.61
C ALA A 355 -7.26 21.31 14.30
N ILE A 356 -8.12 21.29 13.31
CA ILE A 356 -7.68 20.94 11.98
C ILE A 356 -8.14 22.03 11.04
N ARG A 357 -7.18 22.63 10.34
CA ARG A 357 -7.48 23.55 9.28
C ARG A 357 -8.26 22.79 8.20
N LEU A 358 -9.39 23.33 7.80
CA LEU A 358 -10.27 22.69 6.80
C LEU A 358 -9.52 22.40 5.52
N SER A 359 -8.56 23.25 5.17
CA SER A 359 -7.78 23.03 3.96
C SER A 359 -6.86 21.81 4.12
N ASP A 360 -6.40 21.59 5.34
CA ASP A 360 -5.60 20.42 5.62
C ASP A 360 -6.43 19.14 5.62
N LEU A 361 -7.58 19.12 6.27
CA LEU A 361 -8.46 17.96 6.19
C LEU A 361 -8.70 17.54 4.73
N LEU A 362 -9.10 18.49 3.90
CA LEU A 362 -9.43 18.19 2.50
C LEU A 362 -8.24 17.73 1.68
N GLY A 363 -7.09 18.36 1.92
CA GLY A 363 -5.86 18.02 1.23
C GLY A 363 -5.33 16.66 1.68
N PHE A 364 -5.35 16.42 2.98
CA PHE A 364 -4.99 15.11 3.46
C PHE A 364 -5.86 14.04 2.85
N LEU A 365 -7.18 14.22 2.83
CA LEU A 365 -8.06 13.22 2.22
C LEU A 365 -7.83 13.04 0.72
N ALA A 366 -7.55 14.15 0.04
CA ALA A 366 -7.33 14.12 -1.40
C ALA A 366 -5.98 13.48 -1.73
N HIS A 367 -4.91 13.99 -1.15
CA HIS A 367 -3.58 13.47 -1.45
C HIS A 367 -3.34 12.03 -0.98
N SER A 368 -4.00 11.63 0.11
CA SER A 368 -3.99 10.25 0.57
C SER A 368 -4.47 9.40 -0.57
N ARG A 369 -5.67 9.73 -1.05
CA ARG A 369 -6.29 9.01 -2.14
C ARG A 369 -5.41 9.00 -3.39
N VAL A 370 -4.73 10.11 -3.65
CA VAL A 370 -3.89 10.23 -4.85
C VAL A 370 -2.62 9.40 -4.73
N LEU A 371 -1.89 9.58 -3.64
CA LEU A 371 -0.64 8.84 -3.42
C LEU A 371 -0.84 7.32 -3.33
N ALA A 372 -1.88 6.89 -2.63
CA ALA A 372 -2.13 5.45 -2.45
C ALA A 372 -2.26 4.73 -3.78
N GLY A 373 -2.78 5.45 -4.75
CA GLY A 373 -2.98 4.94 -6.09
C GLY A 373 -1.68 4.95 -6.86
N LEU A 374 -0.93 6.06 -6.78
CA LEU A 374 0.34 6.15 -7.51
C LEU A 374 1.37 5.16 -6.96
N ALA A 375 1.26 4.85 -5.68
CA ALA A 375 2.15 3.88 -5.04
C ALA A 375 1.80 2.47 -5.48
N ALA A 376 0.51 2.18 -5.46
CA ALA A 376 0.05 0.85 -5.76
C ALA A 376 0.24 0.54 -7.25
N ARG A 377 0.05 1.56 -8.10
CA ARG A 377 0.13 1.35 -9.54
C ARG A 377 1.55 1.37 -10.05
N GLY A 378 2.34 2.34 -9.58
CA GLY A 378 3.69 2.54 -10.05
C GLY A 378 4.72 1.72 -9.28
N ALA A 379 4.39 1.29 -8.07
CA ALA A 379 5.42 0.66 -7.26
C ALA A 379 5.04 -0.76 -6.84
N ALA A 380 3.76 -1.05 -6.77
CA ALA A 380 3.39 -2.40 -6.37
C ALA A 380 3.02 -3.27 -7.58
N GLY A 381 3.03 -2.65 -8.76
CA GLY A 381 2.79 -3.34 -10.01
C GLY A 381 1.33 -3.56 -10.35
N CYS A 382 0.45 -2.95 -9.55
CA CYS A 382 -0.99 -3.19 -9.64
C CYS A 382 -1.71 -2.39 -10.73
N ALA A 383 -3.01 -2.68 -10.83
CA ALA A 383 -3.92 -2.09 -11.78
C ALA A 383 -4.91 -1.22 -11.01
N ALA A 384 -5.08 0.03 -11.45
CA ALA A 384 -5.92 0.98 -10.72
C ALA A 384 -7.29 0.43 -10.31
N ASP A 385 -7.89 -0.44 -11.12
CA ASP A 385 -9.25 -0.89 -10.83
C ASP A 385 -9.32 -1.72 -9.56
N SER A 386 -8.16 -1.99 -8.97
CA SER A 386 -8.09 -2.76 -7.72
C SER A 386 -7.55 -2.00 -6.51
N VAL A 387 -7.10 -0.76 -6.68
CA VAL A 387 -6.56 -0.01 -5.55
C VAL A 387 -7.67 0.34 -4.57
N PHE A 388 -7.36 0.26 -3.28
CA PHE A 388 -8.31 0.70 -2.27
C PHE A 388 -7.59 1.46 -1.18
N LEU A 389 -8.34 2.26 -0.41
CA LEU A 389 -7.76 3.04 0.67
C LEU A 389 -8.76 3.34 1.76
N ASN A 390 -8.52 2.82 2.96
CA ASN A 390 -9.40 3.07 4.10
C ASN A 390 -8.67 3.90 5.10
N VAL A 391 -8.93 5.21 5.06
CA VAL A 391 -8.48 6.09 6.13
C VAL A 391 -9.53 6.14 7.23
N SER A 392 -9.09 6.03 8.48
CA SER A 392 -10.01 6.05 9.60
C SER A 392 -9.38 6.75 10.81
N VAL A 393 -8.89 7.99 10.61
CA VAL A 393 -8.46 8.86 11.68
C VAL A 393 -9.66 9.59 12.30
N LEU A 394 -10.74 9.74 11.50
CA LEU A 394 -11.94 10.44 11.95
C LEU A 394 -12.90 9.55 12.71
N ASP A 395 -13.71 10.17 13.55
CA ASP A 395 -14.78 9.49 14.25
C ASP A 395 -15.73 9.05 13.17
N PRO A 396 -16.23 7.83 13.25
CA PRO A 396 -17.06 7.28 12.18
C PRO A 396 -18.34 8.04 11.95
N ALA A 397 -18.95 8.48 13.03
CA ALA A 397 -20.22 9.17 12.97
C ALA A 397 -20.01 10.57 12.41
N ALA A 398 -18.94 11.24 12.85
CA ALA A 398 -18.62 12.56 12.34
C ALA A 398 -18.30 12.50 10.84
N ARG A 399 -17.71 11.38 10.42
CA ARG A 399 -17.32 11.18 9.02
C ARG A 399 -18.55 11.14 8.14
N LEU A 400 -19.53 10.33 8.55
CA LEU A 400 -20.76 10.19 7.78
C LEU A 400 -21.45 11.54 7.61
N ARG A 401 -21.43 12.33 8.69
CA ARG A 401 -21.98 13.68 8.65
C ARG A 401 -21.19 14.53 7.67
N LEU A 402 -19.88 14.56 7.85
CA LEU A 402 -19.00 15.31 6.96
C LEU A 402 -19.23 14.94 5.50
N GLU A 403 -19.27 13.65 5.21
CA GLU A 403 -19.50 13.20 3.85
C GLU A 403 -20.87 13.63 3.29
N ALA A 404 -21.86 13.74 4.16
CA ALA A 404 -23.21 14.11 3.73
C ALA A 404 -23.25 15.59 3.38
N ARG A 405 -22.64 16.43 4.24
CA ARG A 405 -22.54 17.87 4.05
C ARG A 405 -21.72 18.19 2.81
N LEU A 406 -20.55 17.55 2.71
CA LEU A 406 -19.71 17.74 1.53
C LEU A 406 -20.47 17.40 0.25
N GLY A 407 -21.25 16.33 0.27
CA GLY A 407 -22.09 15.98 -0.86
C GLY A 407 -22.95 17.19 -1.24
N HIS A 408 -23.58 17.80 -0.24
CA HIS A 408 -24.47 18.94 -0.46
C HIS A 408 -23.75 20.19 -0.97
N LEU A 409 -22.56 20.48 -0.45
CA LEU A 409 -21.77 21.59 -0.96
C LEU A 409 -21.28 21.36 -2.41
N VAL A 410 -21.03 20.10 -2.75
CA VAL A 410 -20.67 19.75 -4.12
C VAL A 410 -21.83 20.16 -5.01
N ALA A 411 -23.04 19.96 -4.51
CA ALA A 411 -24.24 20.33 -5.25
C ALA A 411 -24.32 21.85 -5.35
N ALA A 412 -24.26 22.52 -4.20
CA ALA A 412 -24.34 23.98 -4.13
C ALA A 412 -23.33 24.62 -5.07
N ILE A 413 -22.05 24.35 -4.84
CA ILE A 413 -20.99 24.89 -5.69
C ILE A 413 -21.36 24.88 -7.18
N LEU A 414 -21.81 23.74 -7.68
CA LEU A 414 -22.09 23.65 -9.11
C LEU A 414 -23.23 24.57 -9.56
N GLU A 415 -24.05 25.02 -8.61
CA GLU A 415 -25.16 25.91 -8.91
C GLU A 415 -24.80 27.36 -8.61
N ARG A 416 -24.52 27.62 -7.33
CA ARG A 416 -24.25 28.97 -6.85
C ARG A 416 -22.98 29.61 -7.46
N GLU A 417 -21.83 28.96 -7.36
CA GLU A 417 -20.57 29.59 -7.78
C GLU A 417 -20.26 29.49 -9.28
N GLN A 418 -19.50 30.47 -9.77
CA GLN A 418 -19.17 30.57 -11.20
C GLN A 418 -17.67 30.37 -11.43
N SER A 419 -16.90 30.56 -10.37
CA SER A 419 -15.44 30.56 -10.39
C SER A 419 -14.83 29.26 -10.89
N LEU A 420 -13.67 29.35 -11.51
CA LEU A 420 -12.89 28.17 -11.89
C LEU A 420 -12.32 27.53 -10.63
N VAL A 421 -11.98 28.37 -9.66
CA VAL A 421 -11.50 27.94 -8.36
C VAL A 421 -12.54 27.08 -7.66
N ALA A 422 -13.80 27.43 -7.84
CA ALA A 422 -14.93 26.78 -7.18
C ALA A 422 -15.27 25.43 -7.80
N HIS A 423 -15.39 25.40 -9.11
CA HIS A 423 -15.58 24.15 -9.85
C HIS A 423 -14.45 23.15 -9.65
N ALA A 424 -13.23 23.62 -9.40
CA ALA A 424 -12.14 22.67 -9.18
C ALA A 424 -12.16 22.17 -7.75
N LEU A 425 -12.79 22.93 -6.87
CA LEU A 425 -12.99 22.47 -5.50
C LEU A 425 -14.10 21.44 -5.49
N GLY A 426 -15.07 21.63 -6.38
CA GLY A 426 -16.14 20.67 -6.53
C GLY A 426 -15.67 19.35 -7.09
N TYR A 427 -14.70 19.39 -8.00
CA TYR A 427 -14.15 18.14 -8.51
C TYR A 427 -13.39 17.47 -7.40
N GLN A 428 -12.52 18.21 -6.75
CA GLN A 428 -11.66 17.64 -5.73
C GLN A 428 -12.48 17.09 -4.57
N LEU A 429 -13.68 17.62 -4.40
CA LEU A 429 -14.56 17.15 -3.34
C LEU A 429 -15.19 15.84 -3.71
N ALA A 430 -15.55 15.70 -4.98
CA ALA A 430 -16.09 14.45 -5.46
C ALA A 430 -15.01 13.39 -5.34
N PHE A 431 -13.77 13.77 -5.68
CA PHE A 431 -12.62 12.87 -5.58
C PHE A 431 -12.40 12.32 -4.15
N VAL A 432 -12.49 13.20 -3.15
CA VAL A 432 -12.39 12.81 -1.76
C VAL A 432 -13.54 11.92 -1.32
N LEU A 433 -14.75 12.20 -1.81
CA LEU A 433 -15.90 11.39 -1.46
C LEU A 433 -15.84 10.04 -2.16
N ASP A 434 -15.30 10.01 -3.38
CA ASP A 434 -15.15 8.78 -4.14
C ASP A 434 -16.49 8.04 -4.27
N SER A 435 -17.56 8.81 -4.43
CA SER A 435 -18.90 8.22 -4.50
C SER A 435 -19.53 8.53 -5.85
N PRO A 436 -20.35 7.61 -6.36
CA PRO A 436 -21.05 7.81 -7.63
C PRO A 436 -21.93 9.04 -7.62
N ALA A 437 -22.67 9.27 -6.54
CA ALA A 437 -23.48 10.47 -6.45
C ALA A 437 -22.60 11.70 -6.71
N ALA A 438 -21.53 11.81 -5.93
CA ALA A 438 -20.62 12.93 -6.01
C ALA A 438 -20.10 13.11 -7.44
N TYR A 439 -19.50 12.06 -7.99
CA TYR A 439 -18.93 12.09 -9.33
C TYR A 439 -20.03 12.41 -10.33
N GLY A 440 -21.28 12.21 -9.92
CA GLY A 440 -22.41 12.47 -10.78
C GLY A 440 -22.68 13.94 -10.99
N ALA A 441 -22.82 14.68 -9.89
CA ALA A 441 -23.05 16.12 -9.99
C ALA A 441 -21.99 16.79 -10.82
N VAL A 442 -20.72 16.45 -10.59
CA VAL A 442 -19.63 17.23 -11.14
C VAL A 442 -19.16 16.78 -12.52
N ALA A 443 -19.68 15.65 -13.01
CA ALA A 443 -19.17 15.05 -14.26
C ALA A 443 -19.46 15.90 -15.47
N PRO A 444 -20.70 16.35 -15.65
CA PRO A 444 -20.95 17.35 -16.69
C PRO A 444 -20.05 18.59 -16.55
N SER A 445 -19.92 19.14 -15.35
CA SER A 445 -19.06 20.32 -15.21
C SER A 445 -17.64 20.04 -15.70
N ALA A 446 -17.08 18.90 -15.31
CA ALA A 446 -15.70 18.55 -15.67
C ALA A 446 -15.51 18.36 -17.16
N ALA A 447 -16.47 17.71 -17.80
CA ALA A 447 -16.39 17.50 -19.25
C ALA A 447 -16.36 18.85 -19.96
N ARG A 448 -17.23 19.77 -19.54
CA ARG A 448 -17.37 21.10 -20.15
C ARG A 448 -16.09 21.93 -19.98
N LEU A 449 -15.42 21.79 -18.84
CA LEU A 449 -14.12 22.44 -18.61
C LEU A 449 -13.00 21.91 -19.53
N ILE A 450 -12.86 20.58 -19.59
CA ILE A 450 -11.91 19.95 -20.49
C ILE A 450 -12.07 20.50 -21.92
N ASP A 451 -13.32 20.58 -22.36
CA ASP A 451 -13.69 21.16 -23.65
C ASP A 451 -13.21 22.60 -23.79
N ALA A 452 -13.34 23.36 -22.70
CA ALA A 452 -12.94 24.75 -22.72
C ALA A 452 -11.42 24.91 -22.84
N LEU A 453 -10.68 23.99 -22.22
CA LEU A 453 -9.22 24.10 -22.26
C LEU A 453 -8.69 23.75 -23.65
N TYR A 454 -9.36 22.82 -24.33
CA TYR A 454 -8.92 22.45 -25.66
C TYR A 454 -9.06 23.64 -26.59
N ALA A 455 -10.07 24.47 -26.32
CA ALA A 455 -10.34 25.65 -27.14
C ALA A 455 -9.33 26.75 -26.85
N GLU A 456 -8.82 26.74 -25.62
CA GLU A 456 -7.80 27.70 -25.22
C GLU A 456 -6.48 27.32 -25.89
N PHE A 457 -6.30 26.03 -26.09
CA PHE A 457 -5.06 25.50 -26.63
C PHE A 457 -5.04 25.62 -28.17
N LEU A 458 -6.20 25.37 -28.77
CA LEU A 458 -6.39 25.56 -30.19
C LEU A 458 -6.32 27.06 -30.47
N GLY A 459 -6.66 27.84 -29.44
CA GLY A 459 -6.61 29.29 -29.54
C GLY A 459 -5.19 29.82 -29.53
N GLY A 460 -4.28 29.04 -28.95
CA GLY A 460 -2.87 29.37 -28.96
C GLY A 460 -2.26 29.47 -27.56
N ARG A 461 -3.12 29.47 -26.55
CA ARG A 461 -2.68 29.63 -25.18
C ARG A 461 -2.08 28.36 -24.60
N ALA A 462 -1.51 28.49 -23.41
CA ALA A 462 -0.91 27.37 -22.70
C ALA A 462 -1.65 27.09 -21.40
N LEU A 463 -1.78 25.81 -21.05
CA LEU A 463 -2.54 25.40 -19.88
C LEU A 463 -1.65 25.21 -18.69
N THR A 464 -0.96 26.28 -18.31
CA THR A 464 0.17 26.18 -17.39
C THR A 464 -0.08 26.74 -15.98
N ALA A 465 -1.08 27.60 -15.82
CA ALA A 465 -1.37 28.16 -14.52
C ALA A 465 -1.66 27.05 -13.51
N PRO A 466 -1.01 27.09 -12.34
CA PRO A 466 -1.19 25.98 -11.38
C PRO A 466 -2.66 25.68 -11.10
N MET A 467 -3.46 26.73 -10.99
CA MET A 467 -4.88 26.60 -10.68
C MET A 467 -5.57 25.82 -11.80
N VAL A 468 -5.12 26.04 -13.04
CA VAL A 468 -5.64 25.31 -14.18
C VAL A 468 -5.23 23.84 -14.15
N ARG A 469 -3.96 23.55 -13.89
CA ARG A 469 -3.50 22.16 -13.89
C ARG A 469 -4.20 21.35 -12.79
N ARG A 470 -4.28 21.93 -11.60
CA ARG A 470 -4.95 21.26 -10.51
C ARG A 470 -6.40 20.97 -10.91
N ALA A 471 -7.05 21.89 -11.62
CA ALA A 471 -8.41 21.62 -12.05
C ALA A 471 -8.43 20.49 -13.08
N LEU A 472 -7.46 20.50 -13.99
CA LEU A 472 -7.43 19.48 -15.04
C LEU A 472 -7.16 18.15 -14.40
N PHE A 473 -6.34 18.15 -13.36
CA PHE A 473 -6.04 16.92 -12.64
C PHE A 473 -7.30 16.22 -12.14
N TYR A 474 -8.05 16.86 -11.24
CA TYR A 474 -9.22 16.22 -10.65
C TYR A 474 -10.36 16.00 -11.63
N ALA A 475 -10.43 16.83 -12.68
CA ALA A 475 -11.52 16.71 -13.64
C ALA A 475 -11.35 15.47 -14.51
N THR A 476 -10.10 15.18 -14.89
CA THR A 476 -9.84 13.94 -15.60
C THR A 476 -10.01 12.77 -14.62
N ALA A 477 -9.75 13.02 -13.35
CA ALA A 477 -9.86 11.98 -12.34
C ALA A 477 -11.31 11.56 -12.27
N VAL A 478 -12.18 12.56 -12.45
CA VAL A 478 -13.61 12.43 -12.28
C VAL A 478 -14.21 11.68 -13.47
N LEU A 479 -13.72 12.01 -14.66
CA LEU A 479 -14.27 11.40 -15.88
C LEU A 479 -13.76 9.97 -16.03
N ARG A 480 -12.77 9.62 -15.22
CA ARG A 480 -12.13 8.31 -15.24
C ARG A 480 -12.73 7.36 -14.22
N ALA A 481 -13.25 7.93 -13.13
CA ALA A 481 -13.70 7.16 -11.96
C ALA A 481 -14.65 5.99 -12.26
N PRO A 482 -15.62 6.19 -13.16
CA PRO A 482 -16.54 5.10 -13.48
C PRO A 482 -15.86 3.88 -14.06
N PHE A 483 -14.75 4.06 -14.77
CA PHE A 483 -14.04 2.95 -15.37
C PHE A 483 -13.35 2.07 -14.31
N LEU A 484 -12.80 2.74 -13.30
CA LEU A 484 -12.20 2.09 -12.14
C LEU A 484 -13.20 1.37 -11.22
N ALA A 485 -14.46 1.77 -11.24
CA ALA A 485 -15.50 1.13 -10.42
C ALA A 485 -16.18 0.06 -11.23
N GLY A 486 -15.79 -0.06 -12.49
CA GLY A 486 -16.30 -1.08 -13.39
C GLY A 486 -17.61 -0.70 -14.06
N ALA A 487 -17.77 -1.07 -15.33
CA ALA A 487 -19.08 -1.03 -15.97
C ALA A 487 -19.74 0.36 -16.13
N PRO A 488 -19.17 1.20 -17.02
CA PRO A 488 -19.66 2.58 -17.19
C PRO A 488 -20.87 2.66 -18.08
N SER A 489 -21.66 3.71 -17.92
CA SER A 489 -22.84 3.91 -18.78
C SER A 489 -22.44 4.42 -20.17
N ALA A 490 -23.34 4.28 -21.13
CA ALA A 490 -23.11 4.84 -22.46
C ALA A 490 -22.78 6.32 -22.36
N GLU A 491 -23.37 7.00 -21.40
CA GLU A 491 -23.14 8.42 -21.28
C GLU A 491 -21.78 8.64 -20.64
N GLN A 492 -21.44 7.77 -19.71
CA GLN A 492 -20.17 7.87 -19.00
C GLN A 492 -18.97 7.55 -19.90
N ARG A 493 -19.13 6.59 -20.80
CA ARG A 493 -18.08 6.24 -21.75
C ARG A 493 -17.87 7.38 -22.72
N GLU A 494 -18.96 7.86 -23.30
CA GLU A 494 -18.89 8.93 -24.29
C GLU A 494 -18.19 10.13 -23.71
N ARG A 495 -18.52 10.47 -22.47
CA ARG A 495 -17.95 11.64 -21.81
C ARG A 495 -16.43 11.53 -21.61
N ALA A 496 -15.95 10.32 -21.37
CA ALA A 496 -14.54 10.10 -21.08
C ALA A 496 -13.75 9.92 -22.36
N ARG A 497 -14.41 9.35 -23.36
CA ARG A 497 -13.80 9.18 -24.67
C ARG A 497 -13.40 10.54 -25.24
N ARG A 498 -14.28 11.51 -25.06
CA ARG A 498 -14.04 12.82 -25.60
C ARG A 498 -12.94 13.51 -24.80
N GLY A 499 -12.91 13.25 -23.50
CA GLY A 499 -11.87 13.79 -22.64
C GLY A 499 -10.51 13.20 -22.96
N LEU A 500 -10.50 11.96 -23.44
CA LEU A 500 -9.27 11.31 -23.87
C LEU A 500 -8.81 11.77 -25.25
N LEU A 501 -9.74 11.97 -26.18
CA LEU A 501 -9.37 12.51 -27.47
C LEU A 501 -8.74 13.88 -27.27
N ILE A 502 -9.29 14.61 -26.30
CA ILE A 502 -8.82 15.95 -25.98
C ILE A 502 -7.44 15.95 -25.31
N THR A 503 -7.30 15.23 -24.19
CA THR A 503 -6.00 15.25 -23.51
C THR A 503 -4.90 14.69 -24.40
N THR A 504 -5.19 13.70 -25.23
CA THR A 504 -4.20 13.23 -26.21
C THR A 504 -3.83 14.35 -27.17
N ALA A 505 -4.81 15.14 -27.61
CA ALA A 505 -4.53 16.29 -28.46
C ALA A 505 -3.72 17.36 -27.76
N LEU A 506 -4.01 17.58 -26.48
CA LEU A 506 -3.30 18.56 -25.67
C LEU A 506 -1.83 18.21 -25.49
N CYS A 507 -1.52 16.92 -25.54
CA CYS A 507 -0.18 16.41 -25.34
C CYS A 507 0.58 16.27 -26.66
N THR A 508 0.95 17.40 -27.24
CA THR A 508 1.79 17.39 -28.41
C THR A 508 3.24 17.20 -27.96
N SER A 509 4.11 16.96 -28.93
CA SER A 509 5.52 16.79 -28.68
C SER A 509 6.02 18.01 -27.92
N ASP A 510 5.54 19.19 -28.29
CA ASP A 510 6.02 20.42 -27.69
C ASP A 510 5.61 20.50 -26.24
N VAL A 511 4.36 20.18 -25.96
CA VAL A 511 3.90 20.19 -24.58
C VAL A 511 4.66 19.18 -23.74
N ALA A 512 4.93 18.01 -24.32
CA ALA A 512 5.71 16.98 -23.65
C ALA A 512 7.10 17.50 -23.22
N ALA A 513 7.88 18.00 -24.18
CA ALA A 513 9.20 18.55 -23.90
C ALA A 513 9.14 19.61 -22.81
N ALA A 514 8.04 20.36 -22.82
CA ALA A 514 7.86 21.45 -21.90
C ALA A 514 7.61 20.89 -20.53
N THR A 515 6.80 19.85 -20.49
CA THR A 515 6.39 19.29 -19.22
C THR A 515 7.62 18.66 -18.51
N HIS A 516 8.64 18.28 -19.29
CA HIS A 516 9.90 17.80 -18.72
C HIS A 516 10.67 18.93 -18.08
N ALA A 517 10.67 20.08 -18.75
CA ALA A 517 11.38 21.25 -18.27
C ALA A 517 10.73 21.84 -17.01
N ASP A 518 9.40 21.87 -16.99
CA ASP A 518 8.65 22.38 -15.85
C ASP A 518 8.87 21.55 -14.60
N LEU A 519 8.73 20.23 -14.72
CA LEU A 519 8.93 19.31 -13.60
C LEU A 519 10.36 19.37 -13.10
N ARG A 520 11.31 19.43 -14.02
CA ARG A 520 12.73 19.50 -13.65
C ARG A 520 12.95 20.77 -12.86
N ALA A 521 12.26 21.82 -13.26
CA ALA A 521 12.41 23.11 -12.62
C ALA A 521 11.68 23.14 -11.29
N ALA A 522 10.63 22.34 -11.18
CA ALA A 522 9.81 22.31 -9.96
C ALA A 522 10.54 21.61 -8.85
N LEU A 523 11.08 20.45 -9.16
CA LEU A 523 11.87 19.67 -8.21
C LEU A 523 13.06 20.45 -7.72
N ALA A 524 13.71 21.17 -8.63
CA ALA A 524 14.85 22.02 -8.28
C ALA A 524 14.49 23.03 -7.18
N ARG A 525 13.29 23.60 -7.26
CA ARG A 525 12.82 24.63 -6.34
C ARG A 525 12.50 24.10 -4.92
N THR A 526 12.15 22.83 -4.81
CA THR A 526 11.67 22.28 -3.53
C THR A 526 12.74 21.85 -2.52
N ASP A 527 12.55 22.22 -1.25
CA ASP A 527 13.40 21.75 -0.17
C ASP A 527 12.62 20.86 0.78
N HIS A 528 11.40 20.52 0.38
CA HIS A 528 10.48 19.72 1.17
C HIS A 528 10.14 20.31 2.54
N GLN A 529 10.34 21.62 2.74
CA GLN A 529 9.77 22.24 3.94
C GLN A 529 9.05 23.55 3.65
N LYS A 530 9.79 24.63 3.48
CA LYS A 530 9.16 25.90 3.14
C LYS A 530 8.53 25.80 1.74
N ASN A 531 9.24 25.17 0.81
CA ASN A 531 8.78 25.02 -0.57
C ASN A 531 8.42 23.59 -0.97
N LEU A 532 7.14 23.23 -0.84
CA LEU A 532 6.68 21.85 -1.09
C LEU A 532 6.44 21.51 -2.55
N PHE A 533 6.22 20.23 -2.83
CA PHE A 533 6.03 19.76 -4.20
C PHE A 533 4.76 18.95 -4.35
N TRP A 534 3.72 19.58 -4.86
CA TRP A 534 2.44 18.91 -5.00
C TRP A 534 2.26 18.47 -6.45
N LEU A 535 2.28 17.17 -6.70
CA LEU A 535 2.16 16.73 -8.09
C LEU A 535 0.96 17.33 -8.80
N PRO A 536 -0.24 17.23 -8.21
CA PRO A 536 -1.41 17.80 -8.89
C PRO A 536 -1.22 19.21 -9.44
N ASP A 537 -0.52 20.10 -8.72
CA ASP A 537 -0.30 21.46 -9.23
C ASP A 537 0.62 21.54 -10.44
N HIS A 538 1.30 20.43 -10.74
CA HIS A 538 2.18 20.39 -11.90
C HIS A 538 1.70 19.38 -12.93
N PHE A 539 0.42 19.05 -12.88
CA PHE A 539 -0.20 18.12 -13.82
C PHE A 539 0.01 18.52 -15.26
N SER A 540 0.09 17.52 -16.13
CA SER A 540 0.12 17.76 -17.57
C SER A 540 -0.87 16.82 -18.22
N PRO A 541 -1.42 17.22 -19.37
CA PRO A 541 -2.28 16.37 -20.18
C PRO A 541 -1.62 15.02 -20.47
N CYS A 542 -0.31 15.04 -20.62
CA CYS A 542 0.48 13.87 -20.93
C CYS A 542 0.23 12.67 -20.04
N ALA A 543 -0.05 12.95 -18.76
CA ALA A 543 -0.28 11.91 -17.76
C ALA A 543 -1.72 11.41 -17.77
N ALA A 544 -2.58 12.11 -18.50
CA ALA A 544 -3.94 11.66 -18.67
C ALA A 544 -4.29 11.53 -20.15
N SER A 545 -3.27 11.34 -20.98
CA SER A 545 -3.49 11.10 -22.40
C SER A 545 -3.55 9.60 -22.73
N LEU A 546 -3.70 9.29 -24.01
CA LEU A 546 -3.58 7.93 -24.46
C LEU A 546 -2.33 7.87 -25.30
N ARG A 547 -1.33 8.63 -24.87
CA ARG A 547 -0.03 8.67 -25.54
C ARG A 547 0.99 7.97 -24.69
N PHE A 548 1.50 6.88 -25.23
CA PHE A 548 2.43 6.02 -24.53
C PHE A 548 3.73 5.88 -25.34
N ASP A 549 3.99 6.86 -26.18
CA ASP A 549 5.21 6.92 -26.99
C ASP A 549 6.17 7.97 -26.47
N LEU A 550 5.83 8.57 -25.33
CA LEU A 550 6.55 9.72 -24.83
C LEU A 550 8.00 9.46 -24.45
N ALA A 551 8.38 8.20 -24.30
CA ALA A 551 9.74 7.89 -23.86
C ALA A 551 10.63 7.35 -24.98
N GLU A 552 10.14 7.41 -26.20
CA GLU A 552 10.90 7.00 -27.37
C GLU A 552 11.99 8.02 -27.70
N GLY A 553 12.95 7.61 -28.52
CA GLY A 553 14.11 8.45 -28.83
C GLY A 553 13.88 9.91 -29.16
N GLY A 554 13.09 10.17 -30.21
CA GLY A 554 12.77 11.53 -30.64
C GLY A 554 12.24 12.47 -29.58
N PHE A 555 11.56 11.92 -28.57
CA PHE A 555 10.98 12.76 -27.53
C PHE A 555 11.99 13.17 -26.47
N ILE A 556 13.00 12.32 -26.25
CA ILE A 556 14.03 12.57 -25.26
C ILE A 556 14.91 13.70 -25.79
N LEU A 557 15.17 13.68 -27.08
CA LEU A 557 15.91 14.76 -27.69
C LEU A 557 15.19 16.10 -27.58
N ASP A 558 13.88 16.11 -27.85
CA ASP A 558 13.06 17.31 -27.68
C ASP A 558 13.20 17.85 -26.27
N ALA A 559 13.09 16.95 -25.30
CA ALA A 559 13.05 17.33 -23.90
C ALA A 559 14.38 17.92 -23.45
N LEU A 560 15.45 17.53 -24.14
CA LEU A 560 16.81 17.92 -23.80
C LEU A 560 17.21 19.22 -24.44
N ALA A 561 16.72 19.47 -25.65
CA ALA A 561 17.09 20.69 -26.36
C ALA A 561 16.33 21.88 -25.82
N MET A 562 15.24 21.60 -25.10
CA MET A 562 14.45 22.62 -24.47
C MET A 562 14.74 22.63 -22.96
N ALA A 563 15.77 21.90 -22.55
CA ALA A 563 16.20 21.89 -21.16
C ALA A 563 17.17 23.02 -20.85
N THR A 564 17.21 23.40 -19.58
CA THR A 564 18.22 24.32 -19.10
C THR A 564 19.49 23.52 -18.79
N ARG A 565 20.64 24.09 -19.15
CA ARG A 565 21.93 23.45 -18.90
C ARG A 565 22.07 23.19 -17.40
N SER A 566 22.59 22.02 -17.04
CA SER A 566 22.92 21.76 -15.64
C SER A 566 24.35 21.22 -15.49
N ASP A 567 24.64 20.69 -14.31
CA ASP A 567 25.97 20.15 -13.99
C ASP A 567 25.97 18.63 -13.95
N ILE A 568 25.05 18.05 -14.72
CA ILE A 568 24.92 16.61 -14.83
C ILE A 568 25.51 16.20 -16.20
N PRO A 569 26.37 15.17 -16.22
CA PRO A 569 26.84 14.62 -17.51
C PRO A 569 25.71 14.42 -18.52
N ALA A 570 25.97 14.72 -19.78
CA ALA A 570 24.97 14.55 -20.82
C ALA A 570 24.30 13.16 -20.81
N ASP A 571 25.09 12.11 -20.62
CA ASP A 571 24.57 10.74 -20.72
C ASP A 571 23.62 10.40 -19.58
N VAL A 572 23.82 11.10 -18.46
CA VAL A 572 22.98 10.93 -17.28
C VAL A 572 21.71 11.76 -17.41
N MET A 573 21.81 13.05 -17.74
CA MET A 573 20.60 13.85 -17.89
C MET A 573 19.66 13.22 -18.91
N ALA A 574 20.22 12.59 -19.94
CA ALA A 574 19.40 11.86 -20.88
C ALA A 574 18.73 10.71 -20.17
N GLN A 575 19.45 10.02 -19.28
CA GLN A 575 18.86 8.86 -18.60
C GLN A 575 17.79 9.29 -17.61
N GLN A 576 18.05 10.39 -16.91
CA GLN A 576 17.08 10.96 -16.00
C GLN A 576 15.78 11.32 -16.74
N THR A 577 15.92 11.94 -17.92
CA THR A 577 14.79 12.25 -18.78
C THR A 577 13.94 11.03 -19.18
N ARG A 578 14.60 10.01 -19.73
CA ARG A 578 13.91 8.77 -20.11
C ARG A 578 13.09 8.21 -18.96
N GLY A 579 13.61 8.36 -17.75
CA GLY A 579 12.93 7.84 -16.58
C GLY A 579 11.65 8.58 -16.27
N VAL A 580 11.66 9.89 -16.49
CA VAL A 580 10.48 10.70 -16.26
C VAL A 580 9.50 10.56 -17.43
N ALA A 581 10.04 10.48 -18.63
CA ALA A 581 9.21 10.13 -19.78
C ALA A 581 8.40 8.87 -19.44
N SER A 582 9.09 7.87 -18.87
CA SER A 582 8.48 6.58 -18.57
C SER A 582 7.46 6.65 -17.43
N VAL A 583 7.69 7.53 -16.48
CA VAL A 583 6.76 7.74 -15.38
C VAL A 583 5.43 8.26 -15.90
N LEU A 584 5.50 9.23 -16.79
CA LEU A 584 4.30 9.85 -17.34
C LEU A 584 3.51 8.91 -18.24
N THR A 585 4.17 7.98 -18.92
CA THR A 585 3.44 7.08 -19.80
C THR A 585 2.81 5.99 -18.97
N ARG A 586 3.50 5.55 -17.93
CA ARG A 586 2.99 4.52 -17.04
C ARG A 586 1.82 5.05 -16.23
N TRP A 587 1.95 6.30 -15.79
CA TRP A 587 0.91 7.03 -15.11
C TRP A 587 -0.37 7.06 -15.95
N ALA A 588 -0.22 7.43 -17.22
CA ALA A 588 -1.33 7.61 -18.15
C ALA A 588 -1.98 6.32 -18.60
N HIS A 589 -1.29 5.21 -18.38
CA HIS A 589 -1.74 3.93 -18.89
C HIS A 589 -2.62 3.23 -17.86
N TYR A 590 -3.93 3.28 -18.08
CA TYR A 590 -4.91 2.59 -17.22
C TYR A 590 -5.44 1.37 -17.94
N ASN A 591 -5.32 0.19 -17.36
CA ASN A 591 -5.79 -1.00 -18.07
C ASN A 591 -7.25 -0.82 -18.48
N ALA A 592 -8.06 -0.39 -17.52
CA ALA A 592 -9.50 -0.24 -17.72
C ALA A 592 -9.92 0.62 -18.94
N LEU A 593 -9.14 1.64 -19.26
CA LEU A 593 -9.44 2.51 -20.39
C LEU A 593 -9.06 1.87 -21.72
N ILE A 594 -7.81 1.43 -21.83
CA ILE A 594 -7.39 0.66 -22.98
C ILE A 594 -8.36 -0.48 -23.25
N ARG A 595 -8.68 -1.25 -22.22
CA ARG A 595 -9.66 -2.33 -22.32
C ARG A 595 -10.95 -1.87 -22.97
N ALA A 596 -11.33 -0.63 -22.72
CA ALA A 596 -12.64 -0.07 -23.08
C ALA A 596 -12.68 0.65 -24.42
N PHE A 597 -11.54 1.07 -24.94
CA PHE A 597 -11.53 1.87 -26.15
C PHE A 597 -10.72 1.23 -27.27
N VAL A 598 -10.36 -0.03 -27.06
CA VAL A 598 -9.88 -0.85 -28.16
C VAL A 598 -10.94 -1.88 -28.48
N PRO A 599 -11.59 -1.74 -29.64
CA PRO A 599 -12.64 -2.67 -30.08
C PRO A 599 -12.12 -4.08 -30.27
N GLU A 600 -12.70 -5.05 -29.57
CA GLU A 600 -12.36 -6.45 -29.78
C GLU A 600 -13.51 -7.12 -30.54
N ALA A 601 -13.22 -8.22 -31.22
CA ALA A 601 -14.26 -8.94 -31.95
C ALA A 601 -15.12 -9.82 -31.05
N THR A 602 -16.25 -10.25 -31.59
CA THR A 602 -17.27 -10.96 -30.83
C THR A 602 -16.98 -12.45 -30.77
N HIS A 603 -16.23 -12.95 -31.76
CA HIS A 603 -15.75 -14.32 -31.74
C HIS A 603 -14.24 -14.35 -31.85
N GLN A 604 -13.63 -15.50 -31.52
CA GLN A 604 -12.17 -15.64 -31.57
C GLN A 604 -11.61 -15.57 -32.99
N CYS A 605 -10.52 -14.85 -33.16
CA CYS A 605 -9.93 -14.67 -34.47
C CYS A 605 -8.86 -15.72 -34.78
N SER A 606 -8.97 -16.40 -35.92
CA SER A 606 -7.99 -17.43 -36.28
C SER A 606 -6.57 -16.87 -36.37
N GLY A 607 -5.58 -17.73 -36.18
CA GLY A 607 -4.19 -17.31 -36.18
C GLY A 607 -3.69 -16.84 -34.82
N PRO A 608 -2.37 -16.63 -34.71
CA PRO A 608 -1.77 -16.20 -33.45
C PRO A 608 -1.97 -14.71 -33.35
N SER A 609 -2.57 -14.21 -32.30
CA SER A 609 -2.78 -12.79 -32.26
C SER A 609 -1.41 -12.17 -32.26
N HIS A 610 -1.19 -11.24 -33.16
CA HIS A 610 0.03 -10.47 -33.12
C HIS A 610 -0.42 -9.28 -32.34
N ASN A 611 -0.30 -9.37 -31.02
CA ASN A 611 -0.79 -8.30 -30.21
C ASN A 611 0.34 -7.35 -30.00
N ALA A 612 0.21 -6.18 -30.61
CA ALA A 612 1.19 -5.14 -30.41
C ALA A 612 0.57 -4.10 -29.49
N GLU A 613 1.28 -3.71 -28.44
CA GLU A 613 0.73 -2.74 -27.50
C GLU A 613 0.76 -1.33 -28.10
N PRO A 614 -0.42 -0.70 -28.13
CA PRO A 614 -0.62 0.59 -28.77
C PRO A 614 0.32 1.64 -28.23
N ARG A 615 1.03 2.31 -29.13
CA ARG A 615 1.87 3.43 -28.76
C ARG A 615 1.00 4.66 -28.54
N ILE A 616 0.09 4.91 -29.49
CA ILE A 616 -0.93 5.95 -29.33
C ILE A 616 -2.27 5.31 -29.61
N LEU A 617 -3.26 5.63 -28.79
CA LEU A 617 -4.63 5.14 -28.99
C LEU A 617 -5.60 6.30 -29.19
N VAL A 618 -6.26 6.33 -30.34
CA VAL A 618 -7.19 7.39 -30.69
C VAL A 618 -8.60 6.86 -30.86
N PRO A 619 -9.44 6.97 -29.81
CA PRO A 619 -10.80 6.42 -29.85
C PRO A 619 -11.75 7.29 -30.66
N ILE A 620 -11.61 7.29 -31.98
CA ILE A 620 -12.19 8.32 -32.82
C ILE A 620 -13.73 8.35 -32.93
N THR A 621 -14.36 7.20 -32.73
CA THR A 621 -15.80 7.05 -32.69
C THR A 621 -16.07 6.06 -31.58
N HIS A 622 -17.29 6.04 -31.07
CA HIS A 622 -17.60 5.14 -29.98
C HIS A 622 -17.38 3.71 -30.41
N ASN A 623 -17.72 3.42 -31.65
CA ASN A 623 -17.48 2.14 -32.32
C ASN A 623 -16.06 1.71 -32.65
N ALA A 624 -15.24 2.65 -33.08
CA ALA A 624 -13.92 2.36 -33.61
C ALA A 624 -12.83 3.20 -33.03
N SER A 625 -11.61 2.71 -33.17
CA SER A 625 -10.40 3.39 -32.73
C SER A 625 -9.25 3.21 -33.72
N TYR A 626 -8.39 4.22 -33.80
CA TYR A 626 -7.11 4.10 -34.47
C TYR A 626 -6.04 3.75 -33.44
N VAL A 627 -5.07 2.96 -33.84
CA VAL A 627 -4.01 2.61 -32.94
C VAL A 627 -2.72 2.81 -33.70
N VAL A 628 -1.74 3.38 -33.03
CA VAL A 628 -0.45 3.63 -33.64
C VAL A 628 0.54 2.69 -33.04
N THR A 629 1.17 1.87 -33.87
CA THR A 629 2.14 0.88 -33.41
C THR A 629 3.38 0.78 -34.32
N HIS A 630 4.35 -0.05 -33.92
CA HIS A 630 5.55 -0.24 -34.71
C HIS A 630 5.46 -1.48 -35.57
N THR A 631 4.27 -2.06 -35.62
CA THR A 631 4.08 -3.30 -36.36
C THR A 631 2.65 -3.37 -36.85
N PRO A 632 2.46 -3.91 -38.05
CA PRO A 632 1.12 -4.20 -38.55
C PRO A 632 0.35 -5.04 -37.54
N LEU A 633 -0.96 -4.83 -37.42
CA LEU A 633 -1.77 -5.78 -36.65
C LEU A 633 -2.37 -6.76 -37.63
N PRO A 634 -2.94 -7.85 -37.13
CA PRO A 634 -3.47 -8.87 -38.04
C PRO A 634 -4.90 -8.54 -38.47
N ARG A 635 -5.55 -7.63 -37.75
CA ARG A 635 -6.92 -7.24 -38.10
C ARG A 635 -7.01 -5.74 -38.16
N GLY A 636 -8.09 -5.23 -38.76
CA GLY A 636 -8.34 -3.80 -38.89
C GLY A 636 -7.79 -3.19 -40.17
N ILE A 637 -8.37 -2.07 -40.61
CA ILE A 637 -7.79 -1.33 -41.74
C ILE A 637 -6.43 -0.79 -41.32
N GLY A 638 -5.37 -1.24 -42.01
CA GLY A 638 -4.02 -0.86 -41.63
C GLY A 638 -3.27 -0.05 -42.66
N TYR A 639 -2.72 1.09 -42.21
CA TYR A 639 -1.97 2.01 -43.05
C TYR A 639 -0.53 2.03 -42.59
N LYS A 640 0.39 2.08 -43.54
CA LYS A 640 1.80 2.15 -43.18
C LYS A 640 2.36 3.49 -43.59
N LEU A 641 2.77 4.29 -42.61
CA LEU A 641 3.24 5.66 -42.90
C LEU A 641 4.50 5.68 -43.77
N THR A 642 4.54 6.59 -44.74
CA THR A 642 5.60 6.59 -45.74
C THR A 642 6.63 7.69 -45.53
N GLY A 643 7.88 7.38 -45.83
CA GLY A 643 8.95 8.33 -45.65
C GLY A 643 9.42 8.31 -44.21
N VAL A 644 9.39 7.14 -43.61
CA VAL A 644 9.75 7.02 -42.22
C VAL A 644 10.88 6.02 -42.03
N ASP A 645 11.90 6.43 -41.28
CA ASP A 645 13.08 5.62 -41.00
C ASP A 645 12.81 4.12 -40.80
N VAL A 646 13.37 3.32 -41.68
CA VAL A 646 13.10 1.89 -41.67
C VAL A 646 13.35 1.22 -40.31
N ARG A 647 14.25 1.79 -39.51
CA ARG A 647 14.59 1.21 -38.20
C ARG A 647 13.51 1.43 -37.14
N ARG A 648 12.71 2.48 -37.30
CA ARG A 648 11.68 2.82 -36.32
C ARG A 648 10.34 3.14 -36.99
N PRO A 649 9.73 2.15 -37.64
CA PRO A 649 8.58 2.38 -38.54
C PRO A 649 7.30 2.74 -37.80
N LEU A 650 6.39 3.41 -38.49
CA LEU A 650 5.07 3.77 -37.93
C LEU A 650 3.91 3.14 -38.70
N PHE A 651 2.95 2.58 -37.97
CA PHE A 651 1.71 2.04 -38.57
C PHE A 651 0.48 2.65 -37.89
N ILE A 652 -0.55 2.93 -38.66
CA ILE A 652 -1.82 3.38 -38.09
C ILE A 652 -2.89 2.38 -38.49
N THR A 653 -3.55 1.79 -37.49
CA THR A 653 -4.52 0.76 -37.77
C THR A 653 -5.90 1.17 -37.24
N TYR A 654 -6.94 0.89 -38.03
CA TYR A 654 -8.31 1.24 -37.69
C TYR A 654 -9.06 0.01 -37.20
N LEU A 655 -9.25 -0.04 -35.89
CA LEU A 655 -9.80 -1.22 -35.26
C LEU A 655 -11.29 -1.07 -35.05
N THR A 656 -12.00 -2.15 -35.29
CA THR A 656 -13.43 -2.23 -35.08
C THR A 656 -13.65 -3.67 -34.66
N ALA A 657 -14.84 -4.02 -34.19
CA ALA A 657 -15.08 -5.40 -33.76
C ALA A 657 -15.14 -6.29 -34.98
N THR A 658 -13.97 -6.69 -35.45
CA THR A 658 -13.90 -7.56 -36.60
C THR A 658 -12.53 -8.23 -36.66
N CYS A 659 -12.47 -9.36 -37.35
CA CYS A 659 -11.22 -10.11 -37.46
C CYS A 659 -10.55 -9.80 -38.77
N GLU A 660 -11.24 -9.04 -39.61
CA GLU A 660 -10.73 -8.72 -40.94
C GLU A 660 -9.66 -7.65 -40.90
N GLY A 661 -8.74 -7.75 -41.84
CA GLY A 661 -7.71 -6.75 -42.01
C GLY A 661 -7.51 -6.44 -43.48
N HIS A 662 -7.16 -5.20 -43.77
CA HIS A 662 -6.84 -4.77 -45.11
C HIS A 662 -5.69 -3.80 -44.98
N ALA A 663 -4.70 -3.95 -45.85
CA ALA A 663 -3.69 -2.92 -46.02
C ALA A 663 -4.30 -1.86 -46.94
N ARG A 664 -3.89 -0.61 -46.77
CA ARG A 664 -4.36 0.46 -47.66
C ARG A 664 -3.26 1.50 -47.84
N GLU A 665 -3.22 2.12 -49.02
CA GLU A 665 -2.29 3.21 -49.25
C GLU A 665 -2.90 4.52 -48.76
N ILE A 666 -2.06 5.45 -48.30
CA ILE A 666 -2.57 6.73 -47.88
C ILE A 666 -2.60 7.71 -49.03
N GLU A 667 -3.79 7.98 -49.56
CA GLU A 667 -3.96 8.87 -50.70
C GLU A 667 -3.88 10.34 -50.30
N PRO A 668 -3.25 11.17 -51.16
CA PRO A 668 -3.06 12.62 -50.95
C PRO A 668 -4.30 13.44 -51.30
N LYS A 669 -4.55 14.53 -50.58
CA LYS A 669 -5.76 15.34 -50.79
C LYS A 669 -5.60 16.86 -50.49
N ARG A 670 -6.41 17.69 -51.16
CA ARG A 670 -6.48 19.12 -50.87
C ARG A 670 -7.92 19.54 -50.55
N LEU A 671 -8.12 20.66 -49.85
CA LEU A 671 -9.48 21.06 -49.45
C LEU A 671 -10.13 22.22 -50.27
N VAL A 672 -11.36 22.58 -49.90
CA VAL A 672 -12.16 23.61 -50.58
C VAL A 672 -12.39 23.28 -52.05
N ARG A 678 -20.18 24.87 -47.38
CA ARG A 678 -19.08 25.30 -46.52
C ARG A 678 -18.64 24.23 -45.51
N ASP A 679 -19.47 23.20 -45.31
CA ASP A 679 -19.13 22.07 -44.44
C ASP A 679 -18.46 20.91 -45.20
N LEU A 680 -17.15 20.70 -44.95
CA LEU A 680 -16.36 19.70 -45.66
C LEU A 680 -16.36 18.31 -45.00
N GLY A 681 -16.95 18.21 -43.80
CA GLY A 681 -17.09 16.94 -43.10
C GLY A 681 -15.84 16.54 -42.35
N LEU A 682 -15.07 17.53 -41.93
CA LEU A 682 -13.82 17.31 -41.24
C LEU A 682 -14.01 17.13 -39.75
N VAL A 683 -15.06 17.76 -39.23
CA VAL A 683 -15.38 17.66 -37.83
C VAL A 683 -15.38 16.20 -37.40
N GLY A 684 -14.81 15.92 -36.24
CA GLY A 684 -14.73 14.56 -35.72
C GLY A 684 -13.49 13.80 -36.17
N ALA A 685 -12.86 14.29 -37.22
CA ALA A 685 -11.63 13.70 -37.75
C ALA A 685 -10.46 14.13 -36.88
N VAL A 686 -9.31 13.53 -37.10
CA VAL A 686 -8.13 13.75 -36.28
C VAL A 686 -6.90 14.01 -37.13
N PHE A 687 -6.24 15.14 -36.83
CA PHE A 687 -5.08 15.64 -37.55
C PHE A 687 -3.81 15.08 -36.87
N LEU A 688 -2.97 14.39 -37.65
CA LEU A 688 -1.78 13.72 -37.13
C LEU A 688 -0.54 14.22 -37.87
N ARG A 689 0.41 14.79 -37.14
CA ARG A 689 1.67 15.23 -37.74
C ARG A 689 2.83 14.30 -37.31
N TYR A 690 3.59 13.80 -38.27
CA TYR A 690 4.72 12.93 -37.92
C TYR A 690 5.98 13.23 -38.73
N THR A 691 7.13 12.92 -38.14
CA THR A 691 8.43 13.22 -38.75
C THR A 691 8.96 11.98 -39.45
N PRO A 692 9.94 12.14 -40.35
CA PRO A 692 10.67 10.99 -40.92
C PRO A 692 11.42 10.22 -39.85
N ALA A 693 11.89 10.93 -38.82
CA ALA A 693 12.55 10.32 -37.69
C ALA A 693 11.68 9.26 -37.02
N GLY A 694 10.40 9.27 -37.38
CA GLY A 694 9.45 8.30 -36.87
C GLY A 694 8.71 8.77 -35.63
N GLU A 695 8.78 10.08 -35.39
CA GLU A 695 8.12 10.70 -34.24
C GLU A 695 6.73 11.25 -34.57
N VAL A 696 5.78 11.10 -33.64
CA VAL A 696 4.45 11.68 -33.83
C VAL A 696 4.34 12.96 -33.04
N MET A 697 4.14 14.09 -33.72
CA MET A 697 4.20 15.39 -33.06
C MET A 697 2.89 15.84 -32.45
N SER A 698 1.80 15.62 -33.17
CA SER A 698 0.49 16.00 -32.66
C SER A 698 -0.58 15.09 -33.18
N VAL A 699 -1.56 14.78 -32.32
CA VAL A 699 -2.73 14.00 -32.69
C VAL A 699 -3.95 14.86 -32.34
N LEU A 700 -4.17 15.92 -33.11
CA LEU A 700 -5.18 16.93 -32.78
C LEU A 700 -6.59 16.59 -33.27
N LEU A 701 -7.57 16.75 -32.40
CA LEU A 701 -8.96 16.45 -32.73
C LEU A 701 -9.63 17.61 -33.43
N VAL A 702 -10.16 17.39 -34.63
CA VAL A 702 -10.89 18.43 -35.39
C VAL A 702 -12.26 18.68 -34.75
N ASP A 703 -12.27 19.56 -33.74
CA ASP A 703 -13.34 19.64 -32.74
C ASP A 703 -14.65 20.25 -33.20
N THR A 704 -14.56 21.50 -33.63
CA THR A 704 -15.70 22.30 -34.02
C THR A 704 -15.51 22.72 -35.47
N ASP A 705 -16.46 23.49 -35.97
CA ASP A 705 -16.38 23.98 -37.33
C ASP A 705 -15.30 25.05 -37.51
N ALA A 706 -15.13 25.92 -36.52
CA ALA A 706 -14.09 26.95 -36.60
C ALA A 706 -12.75 26.30 -36.91
N THR A 707 -12.50 25.17 -36.25
CA THR A 707 -11.29 24.39 -36.42
C THR A 707 -11.24 23.72 -37.78
N GLN A 708 -12.42 23.47 -38.36
CA GLN A 708 -12.48 22.90 -39.70
C GLN A 708 -12.12 23.93 -40.76
N GLN A 709 -12.45 25.19 -40.51
CA GLN A 709 -12.13 26.27 -41.46
C GLN A 709 -10.66 26.66 -41.33
N GLN A 710 -10.20 26.80 -40.09
CA GLN A 710 -8.77 27.02 -39.80
C GLN A 710 -7.92 26.00 -40.59
N LEU A 711 -8.56 24.93 -41.07
CA LEU A 711 -7.90 23.84 -41.77
C LEU A 711 -8.13 23.89 -43.26
N ALA A 712 -9.27 24.43 -43.66
CA ALA A 712 -9.66 24.47 -45.07
C ALA A 712 -8.89 25.54 -45.84
N GLN A 713 -8.38 26.52 -45.10
CA GLN A 713 -7.59 27.59 -45.71
C GLN A 713 -6.20 27.11 -46.11
N GLY A 714 -5.61 26.28 -45.26
CA GLY A 714 -4.23 25.87 -45.46
C GLY A 714 -3.41 26.47 -44.34
N PRO A 715 -2.09 26.36 -44.46
CA PRO A 715 -1.22 26.87 -43.40
C PRO A 715 -0.79 28.27 -43.71
N VAL A 716 -1.63 29.26 -43.42
CA VAL A 716 -1.26 30.64 -43.70
C VAL A 716 0.11 30.94 -43.12
N ALA A 717 0.94 31.64 -43.88
CA ALA A 717 2.26 32.02 -43.41
C ALA A 717 2.15 33.18 -42.42
N GLY A 718 2.78 33.04 -41.25
CA GLY A 718 2.69 34.05 -40.22
C GLY A 718 1.41 33.92 -39.41
N THR A 719 0.72 32.79 -39.57
CA THR A 719 -0.46 32.44 -38.75
C THR A 719 -0.21 31.07 -38.11
N PRO A 720 0.59 31.06 -37.02
CA PRO A 720 1.00 29.83 -36.33
C PRO A 720 -0.15 29.07 -35.69
N ASN A 721 -0.88 28.29 -36.48
CA ASN A 721 -1.89 27.39 -35.94
C ASN A 721 -1.18 26.32 -35.11
N VAL A 722 -1.97 25.49 -34.44
CA VAL A 722 -1.46 24.28 -33.83
C VAL A 722 -1.33 23.23 -34.94
N PHE A 723 -1.75 23.63 -36.13
CA PHE A 723 -1.79 22.74 -37.29
C PHE A 723 -0.54 22.86 -38.17
N SER A 724 0.32 23.81 -37.86
CA SER A 724 1.54 23.97 -38.62
C SER A 724 2.75 23.72 -37.74
N SER A 725 3.81 23.20 -38.34
CA SER A 725 5.06 23.09 -37.63
C SER A 725 6.20 23.60 -38.48
N ASP A 726 7.29 23.93 -37.80
CA ASP A 726 8.50 24.38 -38.45
C ASP A 726 9.43 23.20 -38.66
N VAL A 727 8.97 22.03 -38.22
CA VAL A 727 9.74 20.80 -38.36
C VAL A 727 9.25 19.98 -39.54
N PRO A 728 10.17 19.63 -40.45
CA PRO A 728 9.89 18.73 -41.56
C PRO A 728 9.11 17.53 -41.07
N SER A 729 7.91 17.39 -41.60
CA SER A 729 6.96 16.42 -41.08
C SER A 729 5.85 16.24 -42.08
N VAL A 730 5.07 15.19 -41.93
CA VAL A 730 3.97 14.94 -42.82
C VAL A 730 2.64 15.04 -42.09
N ALA A 731 1.63 15.51 -42.81
CA ALA A 731 0.33 15.72 -42.21
C ALA A 731 -0.68 14.69 -42.69
N LEU A 732 -1.31 14.02 -41.73
CA LEU A 732 -2.36 13.07 -42.01
C LEU A 732 -3.68 13.62 -41.50
N LEU A 733 -4.76 13.15 -42.07
CA LEU A 733 -6.07 13.39 -41.50
C LEU A 733 -6.75 12.02 -41.30
N LEU A 734 -7.08 11.66 -40.08
CA LEU A 734 -7.70 10.36 -39.85
C LEU A 734 -9.21 10.55 -39.66
N PHE A 735 -10.02 10.04 -40.60
CA PHE A 735 -11.48 10.24 -40.54
C PHE A 735 -12.16 9.25 -39.61
N PRO A 736 -13.30 9.65 -39.06
CA PRO A 736 -14.00 8.75 -38.12
C PRO A 736 -14.36 7.42 -38.75
N ASN A 737 -14.44 7.35 -40.08
CA ASN A 737 -14.90 6.15 -40.77
C ASN A 737 -13.82 5.16 -41.25
N GLY A 738 -12.58 5.35 -40.81
CA GLY A 738 -11.52 4.44 -41.17
C GLY A 738 -10.58 4.89 -42.28
N THR A 739 -10.95 5.88 -43.10
CA THR A 739 -10.01 6.39 -44.11
C THR A 739 -8.99 7.40 -43.60
N VAL A 740 -7.75 7.21 -44.04
CA VAL A 740 -6.65 8.10 -43.68
C VAL A 740 -6.05 8.72 -44.94
N ILE A 741 -6.00 10.04 -44.96
CA ILE A 741 -5.47 10.79 -46.11
C ILE A 741 -4.28 11.64 -45.74
N HIS A 742 -3.65 12.18 -46.76
CA HIS A 742 -2.37 12.87 -46.66
C HIS A 742 -2.60 14.33 -47.03
N LEU A 743 -2.67 15.19 -46.02
CA LEU A 743 -2.98 16.60 -46.23
C LEU A 743 -1.80 17.36 -46.86
N LEU A 744 -1.55 17.09 -48.13
CA LEU A 744 -0.46 17.73 -48.87
C LEU A 744 -0.14 19.14 -48.42
N ALA A 745 -1.17 19.95 -48.28
CA ALA A 745 -0.97 21.36 -48.02
C ALA A 745 -0.31 21.62 -46.66
N PHE A 746 -0.44 20.70 -45.71
CA PHE A 746 0.14 20.95 -44.38
C PHE A 746 1.53 20.36 -44.12
N ASP A 747 2.05 19.64 -45.11
CA ASP A 747 3.41 19.14 -45.07
C ASP A 747 4.36 20.30 -44.91
N THR A 748 5.50 20.04 -44.28
CA THR A 748 6.53 21.05 -44.23
C THR A 748 7.87 20.42 -44.59
N LEU A 749 8.41 20.82 -45.75
CA LEU A 749 9.61 20.22 -46.31
C LEU A 749 10.86 20.95 -45.80
N PRO A 750 12.04 20.31 -45.97
CA PRO A 750 13.28 20.99 -45.53
C PRO A 750 13.78 22.00 -46.58
N THR B 4 -6.50 -20.35 0.99
CA THR B 4 -7.39 -21.06 1.91
C THR B 4 -6.65 -21.88 3.01
N GLU B 5 -7.07 -21.73 4.28
CA GLU B 5 -6.22 -22.04 5.45
C GLU B 5 -6.71 -23.14 6.43
N TYR B 6 -5.78 -23.65 7.27
CA TYR B 6 -5.99 -24.86 8.12
C TYR B 6 -5.69 -24.71 9.61
N VAL B 7 -6.27 -25.62 10.40
CA VAL B 7 -6.06 -25.64 11.85
C VAL B 7 -5.63 -27.01 12.42
N LEU B 8 -4.78 -26.98 13.42
CA LEU B 8 -4.52 -28.17 14.20
C LEU B 8 -5.56 -28.18 15.30
N ARG B 9 -6.69 -28.85 15.03
CA ARG B 9 -7.82 -28.89 15.95
C ARG B 9 -7.40 -29.45 17.31
N SER B 10 -8.25 -29.22 18.33
CA SER B 10 -8.10 -29.81 19.66
C SER B 10 -8.29 -31.31 19.60
N VAL B 11 -7.74 -31.98 20.60
CA VAL B 11 -7.99 -33.41 20.71
C VAL B 11 -8.94 -33.74 21.89
N ILE B 12 -9.89 -34.63 21.63
CA ILE B 12 -10.76 -35.14 22.68
C ILE B 12 -9.92 -35.88 23.71
N ALA B 13 -9.98 -35.42 24.95
CA ALA B 13 -9.12 -35.98 25.98
C ALA B 13 -9.82 -36.02 27.31
N LYS B 14 -10.41 -37.19 27.64
CA LYS B 14 -11.11 -37.38 28.90
C LYS B 14 -10.15 -37.88 29.97
N GLU B 15 -9.17 -38.67 29.54
CA GLU B 15 -8.17 -39.25 30.44
C GLU B 15 -6.77 -38.83 30.00
N VAL B 16 -5.80 -38.92 30.91
CA VAL B 16 -4.43 -38.54 30.60
C VAL B 16 -3.84 -39.32 29.42
N GLY B 17 -4.24 -40.58 29.29
CA GLY B 17 -3.79 -41.42 28.20
C GLY B 17 -4.31 -41.05 26.83
N ASP B 18 -5.48 -40.41 26.78
CA ASP B 18 -6.04 -39.90 25.53
C ASP B 18 -5.07 -38.92 24.87
N ILE B 19 -4.26 -38.24 25.70
CA ILE B 19 -3.20 -37.34 25.26
C ILE B 19 -1.87 -38.06 24.92
N LEU B 20 -1.39 -38.87 25.83
CA LEU B 20 -0.13 -39.56 25.63
C LEU B 20 -0.23 -40.46 24.38
N ARG B 21 -1.38 -41.05 24.14
CA ARG B 21 -1.64 -41.83 22.92
C ARG B 21 -1.17 -41.08 21.66
N VAL B 22 -1.55 -39.80 21.55
CA VAL B 22 -1.35 -39.00 20.34
C VAL B 22 0.10 -38.97 19.85
N PRO B 23 0.34 -39.47 18.64
CA PRO B 23 1.66 -39.44 17.99
C PRO B 23 2.20 -38.02 17.71
N CYS B 24 3.52 -37.94 17.54
CA CYS B 24 4.22 -36.69 17.31
C CYS B 24 3.70 -36.02 16.05
N MET B 25 3.35 -34.73 16.16
CA MET B 25 2.78 -34.00 15.03
C MET B 25 3.82 -33.87 13.92
N ARG B 26 3.48 -34.26 12.70
CA ARG B 26 4.36 -34.03 11.57
C ARG B 26 4.16 -32.61 11.05
N THR B 27 5.22 -31.99 10.51
CA THR B 27 5.09 -30.59 10.08
C THR B 27 4.60 -30.47 8.63
N PRO B 28 3.45 -29.84 8.42
CA PRO B 28 2.86 -29.82 7.07
C PRO B 28 3.80 -29.14 6.07
N ALA B 29 3.46 -29.21 4.78
CA ALA B 29 4.31 -28.60 3.76
C ALA B 29 4.57 -27.11 4.01
N ASP B 30 5.54 -26.52 3.29
CA ASP B 30 5.73 -25.07 3.26
C ASP B 30 4.55 -24.46 2.51
N ASP B 31 3.99 -25.27 1.60
CA ASP B 31 2.76 -24.96 0.90
C ASP B 31 1.75 -24.37 1.90
N VAL B 32 1.48 -25.13 2.97
CA VAL B 32 0.28 -24.93 3.81
C VAL B 32 0.26 -23.75 4.77
N SER B 33 -0.93 -23.17 4.90
CA SER B 33 -1.18 -22.09 5.86
C SER B 33 -1.99 -22.59 7.05
N TRP B 34 -1.30 -23.14 8.05
CA TRP B 34 -1.97 -23.73 9.20
C TRP B 34 -1.77 -22.88 10.46
N ARG B 35 -2.52 -23.21 11.51
CA ARG B 35 -2.46 -22.53 12.80
C ARG B 35 -2.91 -23.48 13.89
N TYR B 36 -2.29 -23.39 15.06
CA TYR B 36 -2.71 -24.18 16.21
C TYR B 36 -4.09 -23.69 16.63
N GLU B 37 -4.98 -24.58 17.04
CA GLU B 37 -6.17 -24.11 17.74
C GLU B 37 -5.86 -24.05 19.22
N ALA B 38 -5.78 -22.82 19.73
CA ALA B 38 -5.54 -22.61 21.14
C ALA B 38 -6.81 -22.13 21.83
N PRO B 39 -6.84 -22.19 23.16
CA PRO B 39 -7.94 -21.65 23.95
C PRO B 39 -8.16 -20.17 23.64
N SER B 40 -9.40 -19.70 23.69
CA SER B 40 -9.68 -18.28 23.49
C SER B 40 -8.82 -17.45 24.44
N VAL B 41 -8.68 -17.96 25.65
CA VAL B 41 -7.88 -17.29 26.65
C VAL B 41 -7.18 -18.34 27.52
N ILE B 42 -6.04 -17.96 28.08
CA ILE B 42 -5.25 -18.85 28.91
C ILE B 42 -5.58 -18.58 30.37
N ASP B 43 -6.37 -19.48 30.97
CA ASP B 43 -6.73 -19.36 32.38
C ASP B 43 -6.20 -20.57 33.16
N TYR B 44 -5.36 -20.31 34.16
CA TYR B 44 -4.66 -21.39 34.85
C TYR B 44 -5.57 -22.14 35.82
N ALA B 45 -6.68 -21.53 36.20
CA ALA B 45 -7.62 -22.21 37.07
C ALA B 45 -8.47 -23.11 36.19
N ARG B 46 -8.06 -23.22 34.93
CA ARG B 46 -8.81 -23.97 33.94
C ARG B 46 -7.89 -24.91 33.14
N ILE B 47 -6.62 -24.97 33.54
CA ILE B 47 -5.67 -25.88 32.93
C ILE B 47 -5.21 -26.90 33.94
N ASP B 48 -5.44 -28.17 33.64
CA ASP B 48 -5.18 -29.19 34.64
C ASP B 48 -3.82 -29.87 34.49
N GLY B 49 -3.31 -29.94 33.26
CA GLY B 49 -1.99 -30.50 33.02
C GLY B 49 -1.34 -29.87 31.80
N ILE B 50 -0.02 -29.73 31.84
CA ILE B 50 0.73 -29.21 30.71
C ILE B 50 1.71 -30.27 30.20
N PHE B 51 1.49 -30.74 28.98
CA PHE B 51 2.35 -31.76 28.40
C PHE B 51 3.41 -31.15 27.49
N LEU B 52 4.64 -31.04 28.01
CA LEU B 52 5.74 -30.50 27.22
C LEU B 52 6.53 -31.61 26.59
N ARG B 53 6.01 -32.16 25.59
CA ARG B 53 6.69 -33.34 25.06
C ARG B 53 7.83 -33.00 24.09
N TYR B 54 8.96 -32.54 24.59
CA TYR B 54 10.11 -32.03 23.86
C TYR B 54 10.99 -33.14 23.25
N HIS B 55 10.48 -34.38 23.26
CA HIS B 55 11.14 -35.49 22.58
C HIS B 55 10.64 -35.60 21.14
N CYS B 56 9.60 -34.82 20.85
CA CYS B 56 9.01 -34.79 19.53
C CYS B 56 9.74 -33.79 18.63
N PRO B 57 9.89 -34.13 17.35
CA PRO B 57 10.55 -33.20 16.41
C PRO B 57 9.94 -31.78 16.41
N GLY B 58 8.67 -31.64 16.79
CA GLY B 58 8.03 -30.34 16.79
C GLY B 58 7.79 -29.73 18.15
N LEU B 59 8.42 -30.28 19.18
CA LEU B 59 8.18 -29.83 20.55
C LEU B 59 6.71 -29.84 20.98
N ASP B 60 5.93 -30.79 20.48
CA ASP B 60 4.49 -30.86 20.79
C ASP B 60 4.19 -30.46 22.21
N THR B 61 3.54 -29.32 22.43
CA THR B 61 3.07 -29.04 23.78
C THR B 61 1.53 -29.06 23.82
N PHE B 62 0.97 -29.80 24.77
CA PHE B 62 -0.48 -29.95 24.90
C PHE B 62 -0.97 -29.27 26.17
N LEU B 63 -2.05 -28.50 26.05
CA LEU B 63 -2.68 -27.89 27.21
C LEU B 63 -3.98 -28.60 27.49
N TRP B 64 -4.04 -29.25 28.65
CA TRP B 64 -5.19 -30.05 29.01
C TRP B 64 -6.18 -29.29 29.89
N ASP B 65 -7.39 -29.10 29.38
CA ASP B 65 -8.48 -28.63 30.23
C ASP B 65 -9.42 -29.79 30.53
N ARG B 66 -9.36 -30.30 31.74
CA ARG B 66 -10.12 -31.49 32.05
C ARG B 66 -11.63 -31.25 31.99
N HIS B 67 -12.11 -30.18 32.62
CA HIS B 67 -13.54 -29.94 32.63
C HIS B 67 -14.08 -29.94 31.20
N ALA B 68 -13.36 -29.26 30.31
CA ALA B 68 -13.72 -29.26 28.90
C ALA B 68 -13.49 -30.58 28.14
N GLN B 69 -12.62 -31.44 28.68
CA GLN B 69 -12.20 -32.67 27.99
C GLN B 69 -11.62 -32.40 26.61
N ARG B 70 -10.89 -31.29 26.48
CA ARG B 70 -10.12 -30.96 25.27
C ARG B 70 -8.65 -30.80 25.61
N ALA B 71 -7.78 -31.29 24.74
CA ALA B 71 -6.38 -30.94 24.82
C ALA B 71 -6.01 -30.10 23.60
N TYR B 72 -5.49 -28.91 23.84
CA TYR B 72 -5.13 -27.99 22.77
C TYR B 72 -3.64 -28.12 22.50
N LEU B 73 -3.29 -28.44 21.26
CA LEU B 73 -1.91 -28.45 20.84
C LEU B 73 -1.53 -27.02 20.43
N VAL B 74 -0.52 -26.43 21.08
CA VAL B 74 -0.15 -25.03 20.79
C VAL B 74 1.32 -24.76 20.45
N ASN B 75 1.60 -23.54 20.04
CA ASN B 75 2.94 -23.13 19.67
C ASN B 75 3.95 -23.41 20.78
N PRO B 76 4.81 -24.40 20.55
CA PRO B 76 5.76 -24.80 21.56
C PRO B 76 6.49 -23.60 22.14
N PHE B 77 7.11 -22.81 21.27
CA PHE B 77 8.06 -21.78 21.67
C PHE B 77 7.42 -20.57 22.38
N LEU B 78 6.30 -20.10 21.85
CA LEU B 78 5.60 -18.97 22.43
C LEU B 78 4.89 -19.39 23.72
N PHE B 79 4.49 -20.66 23.80
CA PHE B 79 3.92 -21.10 25.06
C PHE B 79 5.01 -21.14 26.11
N ALA B 80 6.15 -21.72 25.76
CA ALA B 80 7.27 -21.77 26.68
C ALA B 80 7.63 -20.38 27.18
N ALA B 81 7.84 -19.47 26.23
CA ALA B 81 8.26 -18.11 26.56
C ALA B 81 7.27 -17.45 27.49
N GLY B 82 6.00 -17.53 27.11
CA GLY B 82 4.94 -16.89 27.87
C GLY B 82 4.77 -17.45 29.26
N PHE B 83 4.76 -18.77 29.38
CA PHE B 83 4.56 -19.47 30.65
C PHE B 83 5.68 -19.21 31.62
N LEU B 84 6.91 -19.26 31.12
CA LEU B 84 8.05 -18.82 31.90
C LEU B 84 7.85 -17.39 32.43
N GLU B 85 7.52 -16.45 31.54
CA GLU B 85 7.26 -15.09 31.97
C GLU B 85 6.27 -15.04 33.14
N ASP B 86 5.12 -15.67 32.97
CA ASP B 86 4.08 -15.67 33.99
C ASP B 86 4.57 -16.22 35.34
N LEU B 87 5.63 -17.04 35.30
CA LEU B 87 6.21 -17.62 36.50
C LEU B 87 7.26 -16.70 37.11
N SER B 88 7.80 -15.82 36.30
CA SER B 88 8.84 -14.90 36.74
C SER B 88 8.25 -13.71 37.49
N HIS B 89 6.94 -13.59 37.46
CA HIS B 89 6.24 -12.45 38.06
C HIS B 89 6.22 -12.57 39.57
N SER B 90 6.54 -11.47 40.25
CA SER B 90 6.73 -11.50 41.68
C SER B 90 5.52 -11.94 42.47
N VAL B 91 4.34 -11.52 42.07
CA VAL B 91 3.15 -11.93 42.81
C VAL B 91 3.49 -12.28 44.27
N ASP B 95 5.42 -13.18 48.73
CA ASP B 95 5.50 -14.51 49.37
C ASP B 95 6.92 -15.06 49.26
N THR B 96 7.16 -16.23 49.86
CA THR B 96 8.41 -16.98 49.69
C THR B 96 8.23 -18.48 49.31
N GLN B 97 7.26 -19.18 49.90
CA GLN B 97 6.99 -20.54 49.43
C GLN B 97 6.39 -20.48 48.02
N GLU B 98 5.27 -19.77 47.89
CA GLU B 98 4.66 -19.49 46.58
C GLU B 98 5.75 -19.23 45.53
N THR B 99 6.65 -18.29 45.81
CA THR B 99 7.66 -17.91 44.82
C THR B 99 8.81 -18.90 44.69
N THR B 100 9.19 -19.57 45.77
CA THR B 100 10.27 -20.57 45.69
C THR B 100 9.85 -21.77 44.83
N THR B 101 8.63 -22.24 45.03
CA THR B 101 8.04 -23.25 44.16
C THR B 101 8.11 -22.79 42.71
N ARG B 102 7.67 -21.55 42.47
CA ARG B 102 7.65 -21.00 41.12
C ARG B 102 9.03 -20.96 40.47
N ARG B 103 10.03 -20.49 41.21
CA ARG B 103 11.38 -20.41 40.63
C ARG B 103 11.81 -21.82 40.31
N ALA B 104 11.44 -22.75 41.17
CA ALA B 104 11.71 -24.17 40.95
C ALA B 104 11.20 -24.67 39.59
N LEU B 105 9.88 -24.73 39.45
CA LEU B 105 9.23 -25.11 38.20
C LEU B 105 9.79 -24.34 37.00
N TYR B 106 10.26 -23.12 37.26
CA TYR B 106 10.80 -22.26 36.22
C TYR B 106 12.11 -22.84 35.69
N LYS B 107 13.06 -23.04 36.60
CA LYS B 107 14.41 -23.49 36.24
C LYS B 107 14.33 -24.85 35.55
N GLU B 108 13.27 -25.59 35.82
CA GLU B 108 13.16 -26.96 35.34
C GLU B 108 12.57 -26.99 33.94
N ILE B 109 11.64 -26.09 33.69
CA ILE B 109 11.11 -25.84 32.35
C ILE B 109 12.21 -25.25 31.47
N ARG B 110 12.81 -24.15 31.92
CA ARG B 110 13.85 -23.46 31.14
C ARG B 110 14.96 -24.42 30.73
N ASP B 111 15.30 -25.34 31.63
CA ASP B 111 16.34 -26.35 31.37
C ASP B 111 15.96 -27.25 30.21
N ALA B 112 14.72 -27.72 30.19
CA ALA B 112 14.28 -28.63 29.13
C ALA B 112 14.10 -27.91 27.81
N LEU B 113 13.70 -26.63 27.87
CA LEU B 113 13.56 -25.85 26.66
C LEU B 113 14.92 -25.72 25.99
N GLY B 114 15.91 -25.24 26.72
CA GLY B 114 17.26 -25.11 26.19
C GLY B 114 17.79 -26.43 25.65
N SER B 115 17.24 -27.54 26.14
CA SER B 115 17.54 -28.87 25.61
C SER B 115 17.32 -28.90 24.10
N ARG B 116 16.49 -27.98 23.62
CA ARG B 116 16.01 -28.01 22.24
C ARG B 116 16.17 -26.68 21.51
N LYS B 117 16.96 -25.77 22.05
CA LYS B 117 17.14 -24.46 21.45
C LYS B 117 17.71 -24.48 20.02
N GLN B 118 18.09 -25.65 19.53
CA GLN B 118 18.57 -25.77 18.16
C GLN B 118 17.44 -26.07 17.17
N ALA B 119 16.19 -26.04 17.64
CA ALA B 119 15.05 -26.41 16.80
C ALA B 119 14.27 -25.20 16.27
N VAL B 120 14.38 -24.08 16.99
CA VAL B 120 13.85 -22.81 16.53
C VAL B 120 14.17 -22.57 15.05
N SER B 121 13.24 -21.98 14.31
CA SER B 121 13.39 -21.84 12.86
C SER B 121 14.41 -20.79 12.47
N HIS B 122 14.96 -20.97 11.27
CA HIS B 122 15.88 -19.99 10.70
C HIS B 122 15.31 -19.53 9.38
N ALA B 123 14.12 -20.04 9.05
CA ALA B 123 13.47 -19.72 7.78
C ALA B 123 12.96 -18.27 7.72
N PRO B 124 13.42 -17.52 6.71
CA PRO B 124 13.00 -16.11 6.65
C PRO B 124 11.52 -16.08 6.26
N VAL B 125 10.78 -15.14 6.82
CA VAL B 125 9.34 -15.11 6.63
C VAL B 125 9.04 -14.92 5.16
N ARG B 126 8.06 -15.68 4.67
CA ARG B 126 7.83 -15.82 3.24
C ARG B 126 7.06 -14.67 2.59
N ALA B 127 6.93 -14.72 1.27
CA ALA B 127 6.36 -13.63 0.49
C ALA B 127 4.83 -13.60 0.51
N GLY B 128 4.26 -12.46 0.10
CA GLY B 128 2.83 -12.30 -0.02
C GLY B 128 2.25 -11.32 0.98
N CYS B 129 1.09 -10.76 0.67
CA CYS B 129 0.42 -9.83 1.58
C CYS B 129 0.19 -10.47 2.95
N VAL B 130 0.07 -9.63 3.98
CA VAL B 130 -0.27 -10.10 5.32
C VAL B 130 -1.55 -9.43 5.83
N ASN B 131 -2.44 -10.18 6.47
CA ASN B 131 -3.60 -9.63 7.14
C ASN B 131 -4.25 -10.64 8.08
N PHE B 132 -4.00 -10.54 9.39
CA PHE B 132 -3.16 -9.52 10.00
C PHE B 132 -2.08 -10.24 10.78
N ASP B 133 -1.62 -11.36 10.22
CA ASP B 133 -0.79 -12.31 10.94
C ASP B 133 -0.02 -13.12 9.88
N TYR B 134 1.29 -13.28 10.02
CA TYR B 134 2.09 -14.03 9.04
C TYR B 134 1.57 -15.46 8.95
N SER B 135 0.83 -15.87 9.97
CA SER B 135 0.47 -17.27 10.14
C SER B 135 -0.90 -17.53 9.56
N ARG B 136 -1.61 -16.42 9.29
CA ARG B 136 -2.84 -16.46 8.51
C ARG B 136 -2.53 -16.51 7.02
N THR B 137 -3.54 -16.34 6.18
CA THR B 137 -3.34 -16.55 4.75
C THR B 137 -2.71 -15.35 4.09
N ARG B 138 -2.03 -15.59 2.98
CA ARG B 138 -1.26 -14.55 2.33
C ARG B 138 -1.79 -14.16 0.94
N ARG B 139 -3.05 -14.49 0.66
CA ARG B 139 -3.68 -14.04 -0.57
C ARG B 139 -3.76 -12.53 -0.55
N CYS B 140 -3.56 -11.92 -1.71
CA CYS B 140 -3.79 -10.50 -1.83
C CYS B 140 -5.24 -10.27 -2.17
N VAL B 141 -5.91 -9.49 -1.34
CA VAL B 141 -7.28 -9.06 -1.59
C VAL B 141 -7.31 -7.68 -2.24
N GLY B 142 -8.16 -7.50 -3.25
CA GLY B 142 -8.28 -6.20 -3.88
C GLY B 142 -9.66 -5.54 -3.82
N ARG B 143 -9.84 -4.55 -4.68
CA ARG B 143 -11.09 -3.79 -4.73
C ARG B 143 -12.17 -4.59 -5.43
N ARG B 144 -11.87 -5.08 -6.63
CA ARG B 144 -12.81 -5.88 -7.42
C ARG B 144 -13.43 -7.04 -6.58
N ASP B 145 -12.87 -7.25 -5.39
CA ASP B 145 -13.55 -8.00 -4.36
C ASP B 145 -14.30 -7.01 -3.47
N PRO B 177 -3.94 -29.42 9.93
CA PRO B 177 -4.55 -30.42 9.03
C PRO B 177 -6.11 -30.37 8.84
N VAL B 178 -6.80 -29.39 9.42
CA VAL B 178 -8.28 -29.24 9.27
C VAL B 178 -8.75 -27.83 8.81
N LEU B 179 -9.65 -27.79 7.83
CA LEU B 179 -9.94 -26.55 7.08
C LEU B 179 -10.70 -25.44 7.80
N ALA B 180 -10.45 -24.20 7.39
CA ALA B 180 -11.18 -23.03 7.90
C ALA B 180 -11.26 -21.94 6.84
N LEU B 181 -11.69 -22.31 5.62
CA LEU B 181 -11.74 -21.40 4.46
C LEU B 181 -11.98 -19.94 4.86
N SER B 182 -11.19 -19.03 4.28
CA SER B 182 -11.16 -17.62 4.68
C SER B 182 -12.40 -16.83 4.21
N ASN B 183 -12.72 -15.75 4.92
CA ASN B 183 -13.84 -14.89 4.51
C ASN B 183 -13.40 -13.50 4.03
#